data_3OKA
#
_entry.id   3OKA
#
_cell.length_a   44.070
_cell.length_b   50.020
_cell.length_c   85.300
_cell.angle_alpha   92.05
_cell.angle_beta   92.68
_cell.angle_gamma   89.94
#
_symmetry.space_group_name_H-M   'P 1'
#
loop_
_entity.id
_entity.type
_entity.pdbx_description
1 polymer 'GDP-mannose-dependent alpha-(1-6)-phosphatidylinositol monomannoside mannosyltransferase'
2 polymer 'N-terminal His-affinity tag'
3 non-polymer 'SULFATE ION'
4 non-polymer "GUANOSINE-5'-DIPHOSPHATE-ALPHA-D-MANNOSE"
5 non-polymer GLYCEROL
6 water water
#
loop_
_entity_poly.entity_id
_entity_poly.type
_entity_poly.pdbx_seq_one_letter_code
_entity_poly.pdbx_strand_id
1 'polypeptide(L)'
;MSASRKTLVVTNDFPPRIGGIQSYLRDFIATQDPESIVVFASTQNAEEAHAYDKTLDYEVIRWPRSVMLPTPTTAHAMAE
IIREREIDNVWFGAAAPLALMAGTAKQAGASKVIASTHGHEVGWSMLPGSRQSLRKIGTEVDVLTYISQYTLRRFKSAFG
SHPTFEHLPSGVDVKRFTPATPEDKSATRKKLGFTDTTPVIACNSRLVPRKGQDSLIKAMPQVIAARPDAQLLIVGSGRY
ESTLRRLATDVSQNVKFLGRLEYQDMINTLAAADIFAMPARTRGGGLDVEGLGIVYLEAQACGVPVIAGTSGGAPETVTP
ATGLVVEGSDVDKLSELLIELLDDPIRRAAMGAAGRAHVEAEWSWEIMGERLTNILQSEPR
;
A,B
2 'polypeptide(L)' MGHHHHHHHHHHSSGHIEGRH C,D
#
loop_
_chem_comp.id
_chem_comp.type
_chem_comp.name
_chem_comp.formula
GDD non-polymer GUANOSINE-5'-DIPHOSPHATE-ALPHA-D-MANNOSE 'C16 H25 N5 O16 P2'
GOL non-polymer GLYCEROL 'C3 H8 O3'
SO4 non-polymer 'SULFATE ION' 'O4 S -2'
#
# COMPACT_ATOMS: atom_id res chain seq x y z
N SER A 4 13.73 47.37 -31.40
CA SER A 4 13.08 46.18 -30.78
C SER A 4 13.93 44.92 -30.93
N ARG A 5 14.36 44.38 -29.80
CA ARG A 5 15.15 43.15 -29.77
C ARG A 5 14.26 41.91 -29.92
N LYS A 6 14.72 40.96 -30.73
CA LYS A 6 13.99 39.73 -31.01
C LYS A 6 14.59 38.59 -30.16
N THR A 7 13.72 37.82 -29.51
CA THR A 7 14.13 36.77 -28.57
C THR A 7 13.78 35.38 -29.06
N LEU A 8 14.76 34.48 -29.03
CA LEU A 8 14.50 33.05 -29.20
C LEU A 8 14.43 32.43 -27.82
N VAL A 9 13.29 31.82 -27.52
CA VAL A 9 13.13 31.08 -26.27
C VAL A 9 13.44 29.60 -26.54
N VAL A 10 14.50 29.12 -25.92
CA VAL A 10 14.93 27.74 -26.10
C VAL A 10 14.53 26.98 -24.85
N THR A 11 13.67 25.97 -25.04
CA THR A 11 13.07 25.30 -23.88
C THR A 11 12.67 23.84 -24.12
N ASN A 12 12.91 23.01 -23.11
CA ASN A 12 12.40 21.64 -23.10
C ASN A 12 10.99 21.60 -22.50
N ASP A 13 10.56 22.73 -21.93
CA ASP A 13 9.28 22.84 -21.24
C ASP A 13 8.38 23.86 -21.95
N PHE A 14 7.28 23.37 -22.54
CA PHE A 14 6.36 24.23 -23.27
C PHE A 14 5.00 23.56 -23.42
N PRO A 15 3.91 24.34 -23.40
CA PRO A 15 2.59 23.73 -23.69
C PRO A 15 2.58 23.07 -25.07
N PRO A 16 1.61 22.18 -25.34
CA PRO A 16 0.41 21.83 -24.55
C PRO A 16 0.64 20.94 -23.33
N ARG A 17 1.87 20.48 -23.12
CA ARG A 17 2.18 19.73 -21.90
C ARG A 17 1.93 20.58 -20.66
N ILE A 18 1.26 20.00 -19.68
CA ILE A 18 0.88 20.71 -18.46
C ILE A 18 2.00 20.65 -17.42
N GLY A 19 2.27 21.78 -16.78
CA GLY A 19 3.29 21.86 -15.73
C GLY A 19 3.58 23.28 -15.30
N GLY A 20 4.36 23.41 -14.22
CA GLY A 20 4.68 24.72 -13.63
C GLY A 20 5.54 25.62 -14.49
N ILE A 21 6.61 25.06 -15.06
CA ILE A 21 7.50 25.81 -15.96
C ILE A 21 6.80 26.13 -17.28
N GLN A 22 5.99 25.20 -17.78
CA GLN A 22 5.16 25.42 -18.98
C GLN A 22 4.24 26.64 -18.82
N SER A 23 3.54 26.70 -17.69
CA SER A 23 2.65 27.83 -17.37
C SER A 23 3.42 29.14 -17.20
N TYR A 24 4.55 29.05 -16.50
CA TYR A 24 5.46 30.18 -16.26
C TYR A 24 5.91 30.81 -17.58
N LEU A 25 6.42 29.98 -18.48
CA LEU A 25 6.91 30.47 -19.77
C LEU A 25 5.77 30.92 -20.69
N ARG A 26 4.68 30.16 -20.73
CA ARG A 26 3.52 30.52 -21.54
C ARG A 26 3.01 31.92 -21.19
N ASP A 27 2.87 32.18 -19.89
CA ASP A 27 2.31 33.43 -19.40
C ASP A 27 3.27 34.62 -19.52
N PHE A 28 4.56 34.39 -19.28
CA PHE A 28 5.56 35.46 -19.48
C PHE A 28 5.71 35.88 -20.94
N ILE A 29 5.72 34.89 -21.84
CA ILE A 29 5.79 35.15 -23.29
C ILE A 29 4.60 35.98 -23.76
N ALA A 30 3.41 35.65 -23.24
CA ALA A 30 2.17 36.36 -23.55
C ALA A 30 2.17 37.86 -23.18
N THR A 31 3.07 38.26 -22.29
CA THR A 31 3.17 39.67 -21.89
C THR A 31 4.00 40.48 -22.88
N GLN A 32 4.71 39.79 -23.78
CA GLN A 32 5.61 40.44 -24.73
C GLN A 32 4.94 40.64 -26.10
N ASP A 33 5.53 41.54 -26.90
CA ASP A 33 5.11 41.75 -28.29
C ASP A 33 5.36 40.44 -29.05
N PRO A 34 4.29 39.82 -29.59
CA PRO A 34 4.40 38.54 -30.31
C PRO A 34 5.36 38.58 -31.50
N GLU A 35 5.56 39.75 -32.10
CA GLU A 35 6.50 39.91 -33.22
C GLU A 35 7.97 39.80 -32.79
N SER A 36 8.24 39.95 -31.49
CA SER A 36 9.61 39.88 -30.98
C SER A 36 9.99 38.52 -30.36
N ILE A 37 9.12 37.53 -30.55
CA ILE A 37 9.23 36.22 -29.89
C ILE A 37 9.24 35.07 -30.88
N VAL A 38 10.23 34.19 -30.73
CA VAL A 38 10.24 32.89 -31.39
C VAL A 38 10.53 31.85 -30.30
N VAL A 39 9.84 30.73 -30.34
CA VAL A 39 10.10 29.64 -29.39
C VAL A 39 10.70 28.43 -30.12
N PHE A 40 11.73 27.83 -29.52
CA PHE A 40 12.33 26.60 -29.98
C PHE A 40 12.12 25.56 -28.88
N ALA A 41 11.18 24.65 -29.11
CA ALA A 41 10.70 23.75 -28.06
C ALA A 41 10.67 22.29 -28.50
N SER A 42 10.89 21.41 -27.52
CA SER A 42 10.74 19.98 -27.71
C SER A 42 9.26 19.63 -27.89
N THR A 43 9.01 18.43 -28.43
CA THR A 43 7.68 17.98 -28.80
C THR A 43 7.39 16.66 -28.10
N GLN A 44 6.35 16.65 -27.27
CA GLN A 44 5.93 15.43 -26.59
C GLN A 44 4.83 14.69 -27.38
N ASN A 45 3.96 15.45 -28.04
CA ASN A 45 2.91 14.89 -28.88
C ASN A 45 2.76 15.78 -30.10
N ALA A 46 3.13 15.25 -31.27
CA ALA A 46 3.28 16.07 -32.47
C ALA A 46 1.97 16.66 -32.99
N GLU A 47 0.87 15.92 -32.83
CA GLU A 47 -0.43 16.40 -33.29
C GLU A 47 -1.01 17.44 -32.35
N GLU A 48 -0.81 17.24 -31.05
CA GLU A 48 -1.29 18.18 -30.04
C GLU A 48 -0.45 19.45 -30.03
N ALA A 49 0.85 19.29 -30.29
CA ALA A 49 1.76 20.43 -30.35
C ALA A 49 1.40 21.34 -31.52
N HIS A 50 1.21 20.74 -32.69
CA HIS A 50 0.86 21.47 -33.92
C HIS A 50 -0.46 22.22 -33.78
N ALA A 51 -1.45 21.57 -33.18
CA ALA A 51 -2.77 22.16 -32.96
C ALA A 51 -2.70 23.34 -32.00
N TYR A 52 -1.96 23.19 -30.92
CA TYR A 52 -1.70 24.29 -29.98
C TYR A 52 -0.95 25.46 -30.63
N ASP A 53 0.10 25.17 -31.40
CA ASP A 53 0.91 26.22 -32.01
C ASP A 53 0.11 27.09 -32.99
N LYS A 54 -0.90 26.49 -33.63
CA LYS A 54 -1.80 27.22 -34.54
C LYS A 54 -2.62 28.32 -33.86
N THR A 55 -2.86 28.18 -32.56
CA THR A 55 -3.68 29.13 -31.80
C THR A 55 -2.92 30.42 -31.46
N LEU A 56 -1.58 30.36 -31.52
CA LEU A 56 -0.72 31.44 -31.06
C LEU A 56 -0.40 32.47 -32.14
N ASP A 57 -0.01 33.66 -31.70
CA ASP A 57 0.36 34.75 -32.63
C ASP A 57 1.87 34.95 -32.79
N TYR A 58 2.65 34.02 -32.26
CA TYR A 58 4.10 34.01 -32.43
C TYR A 58 4.57 32.63 -32.88
N GLU A 59 5.74 32.57 -33.52
CA GLU A 59 6.29 31.34 -34.06
C GLU A 59 6.81 30.37 -33.00
N VAL A 60 6.41 29.11 -33.13
CA VAL A 60 7.00 28.03 -32.36
C VAL A 60 7.64 27.05 -33.35
N ILE A 61 8.94 26.86 -33.21
CA ILE A 61 9.66 25.86 -33.99
C ILE A 61 9.80 24.62 -33.12
N ARG A 62 9.24 23.52 -33.57
CA ARG A 62 9.29 22.28 -32.81
C ARG A 62 10.51 21.44 -33.14
N TRP A 63 11.25 21.10 -32.09
CA TRP A 63 12.33 20.13 -32.16
C TRP A 63 11.67 18.76 -32.06
N PRO A 64 11.86 17.90 -33.07
CA PRO A 64 11.13 16.61 -33.11
C PRO A 64 11.72 15.56 -32.18
N ARG A 65 11.99 15.96 -30.94
CA ARG A 65 12.42 15.03 -29.90
C ARG A 65 11.58 15.30 -28.67
N SER A 66 11.30 14.24 -27.92
CA SER A 66 10.59 14.35 -26.66
C SER A 66 11.38 15.17 -25.64
N VAL A 67 12.70 15.03 -25.66
CA VAL A 67 13.57 15.78 -24.77
C VAL A 67 14.62 16.51 -25.59
N MET A 68 14.72 17.82 -25.38
CA MET A 68 15.78 18.63 -25.98
C MET A 68 17.04 18.61 -25.11
N LEU A 69 18.13 18.15 -25.71
CA LEU A 69 19.40 17.95 -24.99
C LEU A 69 20.50 18.85 -25.57
N PRO A 70 21.46 19.29 -24.73
CA PRO A 70 22.52 20.17 -25.22
C PRO A 70 23.63 19.45 -25.99
N THR A 71 23.24 18.70 -27.02
CA THR A 71 24.18 17.97 -27.88
C THR A 71 24.69 18.90 -28.99
N PRO A 72 25.79 18.50 -29.67
CA PRO A 72 26.24 19.27 -30.84
C PRO A 72 25.18 19.51 -31.92
N THR A 73 24.36 18.51 -32.26
CA THR A 73 23.34 18.71 -33.30
C THR A 73 22.17 19.63 -32.88
N THR A 74 21.79 19.59 -31.61
CA THR A 74 20.80 20.54 -31.08
C THR A 74 21.38 21.96 -31.09
N ALA A 75 22.64 22.09 -30.68
CA ALA A 75 23.36 23.38 -30.75
C ALA A 75 23.36 23.98 -32.16
N HIS A 76 23.70 23.15 -33.16
CA HIS A 76 23.75 23.59 -34.55
C HIS A 76 22.37 24.00 -35.06
N ALA A 77 21.35 23.22 -34.71
CA ALA A 77 19.96 23.54 -35.07
C ALA A 77 19.51 24.89 -34.48
N MET A 78 19.85 25.12 -33.20
CA MET A 78 19.61 26.41 -32.53
C MET A 78 20.34 27.54 -33.24
N ALA A 79 21.63 27.34 -33.51
CA ALA A 79 22.46 28.32 -34.22
C ALA A 79 21.86 28.75 -35.57
N GLU A 80 21.31 27.78 -36.29
CA GLU A 80 20.67 28.00 -37.59
C GLU A 80 19.44 28.92 -37.47
N ILE A 81 18.64 28.70 -36.43
CA ILE A 81 17.50 29.58 -36.13
C ILE A 81 17.93 31.00 -35.76
N ILE A 82 19.01 31.11 -34.96
CA ILE A 82 19.53 32.42 -34.54
C ILE A 82 19.93 33.26 -35.76
N ARG A 83 20.64 32.64 -36.70
CA ARG A 83 21.06 33.31 -37.93
C ARG A 83 19.89 33.64 -38.86
N GLU A 84 18.98 32.69 -39.05
CA GLU A 84 17.90 32.82 -40.04
C GLU A 84 16.77 33.76 -39.59
N ARG A 85 16.46 33.76 -38.30
CA ARG A 85 15.43 34.63 -37.74
C ARG A 85 16.00 35.93 -37.19
N GLU A 86 17.30 36.15 -37.40
CA GLU A 86 17.99 37.35 -36.92
C GLU A 86 17.70 37.62 -35.44
N ILE A 87 18.03 36.64 -34.60
CA ILE A 87 17.74 36.67 -33.18
C ILE A 87 18.74 37.57 -32.44
N ASP A 88 18.21 38.43 -31.56
CA ASP A 88 19.05 39.30 -30.70
C ASP A 88 19.30 38.70 -29.30
N ASN A 89 18.24 38.21 -28.64
CA ASN A 89 18.34 37.56 -27.34
C ASN A 89 18.10 36.07 -27.44
N VAL A 90 18.88 35.28 -26.70
CA VAL A 90 18.53 33.89 -26.52
C VAL A 90 18.19 33.68 -25.05
N TRP A 91 16.95 33.26 -24.82
CA TRP A 91 16.45 33.01 -23.48
C TRP A 91 16.25 31.51 -23.28
N PHE A 92 17.10 30.92 -22.45
CA PHE A 92 16.96 29.51 -22.08
C PHE A 92 15.92 29.40 -20.98
N GLY A 93 14.83 28.69 -21.28
CA GLY A 93 13.70 28.53 -20.36
C GLY A 93 14.07 27.93 -19.02
N ALA A 94 15.04 27.03 -19.03
CA ALA A 94 15.66 26.48 -17.82
C ALA A 94 17.17 26.48 -18.03
N ALA A 95 17.88 27.05 -17.06
CA ALA A 95 19.33 27.21 -17.16
C ALA A 95 20.10 25.90 -17.34
N ALA A 96 19.85 24.94 -16.46
CA ALA A 96 20.57 23.67 -16.49
C ALA A 96 19.70 22.56 -17.11
N PRO A 97 20.22 21.86 -18.13
CA PRO A 97 21.54 21.98 -18.76
C PRO A 97 21.61 22.81 -20.06
N LEU A 98 20.47 23.22 -20.61
CA LEU A 98 20.45 23.80 -21.97
C LEU A 98 21.24 25.10 -22.16
N ALA A 99 21.43 25.88 -21.10
CA ALA A 99 22.20 27.12 -21.19
C ALA A 99 23.69 26.87 -21.44
N LEU A 100 24.11 25.61 -21.42
CA LEU A 100 25.45 25.23 -21.88
C LEU A 100 25.66 25.49 -23.36
N MET A 101 24.57 25.72 -24.11
CA MET A 101 24.67 26.09 -25.53
C MET A 101 24.75 27.60 -25.74
N ALA A 102 24.90 28.35 -24.65
CA ALA A 102 24.99 29.81 -24.69
C ALA A 102 26.18 30.34 -25.50
N GLY A 103 27.31 29.65 -25.42
CA GLY A 103 28.49 29.99 -26.22
C GLY A 103 28.21 29.92 -27.71
N THR A 104 27.54 28.84 -28.12
CA THR A 104 27.11 28.68 -29.51
C THR A 104 26.12 29.76 -29.93
N ALA A 105 25.18 30.07 -29.06
CA ALA A 105 24.18 31.12 -29.30
C ALA A 105 24.84 32.45 -29.65
N LYS A 106 25.87 32.83 -28.89
CA LYS A 106 26.62 34.06 -29.13
C LYS A 106 27.45 34.02 -30.42
N GLN A 107 28.04 32.88 -30.71
CA GLN A 107 28.77 32.68 -31.96
C GLN A 107 27.85 32.77 -33.18
N ALA A 108 26.58 32.41 -33.00
CA ALA A 108 25.58 32.47 -34.07
C ALA A 108 25.00 33.88 -34.29
N GLY A 109 25.31 34.81 -33.39
CA GLY A 109 24.90 36.21 -33.58
C GLY A 109 24.11 36.85 -32.45
N ALA A 110 23.69 36.04 -31.47
CA ALA A 110 22.94 36.57 -30.33
C ALA A 110 23.83 37.52 -29.52
N SER A 111 23.31 38.69 -29.16
CA SER A 111 24.09 39.69 -28.41
C SER A 111 23.78 39.70 -26.90
N LYS A 112 22.79 38.91 -26.49
CA LYS A 112 22.44 38.77 -25.08
C LYS A 112 21.87 37.38 -24.82
N VAL A 113 22.35 36.76 -23.75
CA VAL A 113 21.85 35.45 -23.33
C VAL A 113 21.23 35.57 -21.94
N ILE A 114 19.98 35.08 -21.83
CA ILE A 114 19.24 35.05 -20.58
C ILE A 114 18.94 33.59 -20.26
N ALA A 115 19.00 33.23 -18.98
CA ALA A 115 18.66 31.87 -18.57
C ALA A 115 17.87 31.93 -17.28
N SER A 116 16.81 31.13 -17.22
CA SER A 116 15.92 31.14 -16.05
C SER A 116 16.23 30.00 -15.11
N THR A 117 16.36 30.33 -13.83
CA THR A 117 16.48 29.31 -12.80
C THR A 117 15.12 29.08 -12.14
N HIS A 118 14.95 27.92 -11.54
CA HIS A 118 13.68 27.55 -10.94
C HIS A 118 13.82 27.01 -9.52
N GLY A 119 15.05 26.91 -9.03
CA GLY A 119 15.31 26.61 -7.63
C GLY A 119 15.89 25.26 -7.25
N HIS A 120 16.12 24.39 -8.23
CA HIS A 120 16.64 23.05 -7.94
C HIS A 120 18.01 22.77 -8.58
N GLU A 121 18.67 23.83 -9.04
CA GLU A 121 19.99 23.73 -9.67
C GLU A 121 21.09 23.35 -8.67
N VAL A 122 20.94 23.77 -7.42
CA VAL A 122 21.94 23.55 -6.39
C VAL A 122 21.34 22.78 -5.22
N GLY A 123 21.99 21.71 -4.83
CA GLY A 123 21.54 20.88 -3.72
C GLY A 123 22.43 19.67 -3.55
N TRP A 124 22.22 18.91 -2.47
CA TRP A 124 23.11 17.80 -2.17
C TRP A 124 23.00 16.59 -3.11
N SER A 125 21.94 16.56 -3.92
CA SER A 125 21.77 15.50 -4.91
C SER A 125 22.31 15.87 -6.30
N MET A 126 22.96 17.03 -6.41
CA MET A 126 23.66 17.46 -7.64
C MET A 126 24.51 16.34 -8.22
N LEU A 127 24.41 16.13 -9.53
CA LEU A 127 25.19 15.10 -10.22
C LEU A 127 26.66 15.50 -10.39
N PRO A 128 27.57 14.51 -10.57
CA PRO A 128 28.96 14.84 -10.89
C PRO A 128 29.08 15.63 -12.18
N GLY A 129 29.88 16.68 -12.17
CA GLY A 129 30.01 17.58 -13.31
C GLY A 129 29.08 18.78 -13.25
N SER A 130 28.08 18.72 -12.36
CA SER A 130 27.04 19.76 -12.31
C SER A 130 27.52 21.14 -11.82
N ARG A 131 28.42 21.16 -10.84
CA ARG A 131 28.95 22.43 -10.32
C ARG A 131 29.79 23.19 -11.36
N GLN A 132 30.61 22.45 -12.10
CA GLN A 132 31.39 23.04 -13.19
C GLN A 132 30.49 23.51 -14.34
N SER A 133 29.41 22.78 -14.60
CA SER A 133 28.40 23.19 -15.59
C SER A 133 27.76 24.53 -15.24
N LEU A 134 27.40 24.70 -13.97
CA LEU A 134 26.79 25.93 -13.50
C LEU A 134 27.74 27.12 -13.60
N ARG A 135 29.03 26.86 -13.41
CA ARG A 135 30.09 27.85 -13.62
C ARG A 135 30.22 28.24 -15.08
N LYS A 136 30.24 27.25 -15.96
CA LYS A 136 30.28 27.47 -17.40
C LYS A 136 29.07 28.28 -17.85
N ILE A 137 27.88 27.89 -17.36
CA ILE A 137 26.65 28.63 -17.66
C ILE A 137 26.77 30.09 -17.21
N GLY A 138 27.30 30.28 -16.00
CA GLY A 138 27.49 31.62 -15.43
C GLY A 138 28.35 32.56 -16.25
N THR A 139 29.45 32.05 -16.79
CA THR A 139 30.40 32.89 -17.54
C THR A 139 29.84 33.36 -18.88
N GLU A 140 28.96 32.55 -19.47
CA GLU A 140 28.41 32.81 -20.80
C GLU A 140 26.99 33.42 -20.79
N VAL A 141 26.32 33.36 -19.63
CA VAL A 141 24.99 33.93 -19.50
C VAL A 141 25.09 35.35 -18.93
N ASP A 142 24.40 36.29 -19.56
CA ASP A 142 24.43 37.70 -19.14
C ASP A 142 23.44 37.99 -18.01
N VAL A 143 22.25 37.39 -18.09
CA VAL A 143 21.19 37.57 -17.09
C VAL A 143 20.66 36.21 -16.63
N LEU A 144 20.75 35.95 -15.33
CA LEU A 144 20.09 34.79 -14.74
C LEU A 144 18.87 35.25 -13.99
N THR A 145 17.70 34.74 -14.35
CA THR A 145 16.50 35.09 -13.61
C THR A 145 16.29 34.07 -12.50
N TYR A 146 15.73 34.54 -11.38
CA TYR A 146 15.48 33.66 -10.25
C TYR A 146 14.08 33.96 -9.69
N ILE A 147 13.44 32.94 -9.13
CA ILE A 147 12.04 33.05 -8.72
C ILE A 147 11.81 33.65 -7.32
N SER A 148 12.82 33.57 -6.47
CA SER A 148 12.69 34.07 -5.09
C SER A 148 14.04 34.36 -4.47
N GLN A 149 14.04 35.22 -3.45
CA GLN A 149 15.23 35.50 -2.66
C GLN A 149 15.81 34.22 -2.02
N TYR A 150 14.93 33.33 -1.56
CA TYR A 150 15.33 32.03 -1.03
C TYR A 150 16.24 31.26 -1.99
N THR A 151 15.80 31.09 -3.24
CA THR A 151 16.59 30.35 -4.24
C THR A 151 17.93 31.05 -4.51
N LEU A 152 17.89 32.37 -4.62
CA LEU A 152 19.09 33.18 -4.83
C LEU A 152 20.14 32.89 -3.74
N ARG A 153 19.71 32.95 -2.49
CA ARG A 153 20.56 32.61 -1.34
C ARG A 153 21.14 31.19 -1.44
N ARG A 154 20.31 30.23 -1.84
CA ARG A 154 20.71 28.82 -1.95
C ARG A 154 21.77 28.53 -3.02
N PHE A 155 21.77 29.33 -4.09
CA PHE A 155 22.77 29.19 -5.14
C PHE A 155 24.17 29.52 -4.64
N LYS A 156 24.24 30.44 -3.66
CA LYS A 156 25.51 31.00 -3.21
C LYS A 156 26.29 31.55 -4.42
N SER A 157 27.54 31.15 -4.62
CA SER A 157 28.29 31.64 -5.77
C SER A 157 28.50 30.56 -6.85
N ALA A 158 27.55 29.62 -6.93
CA ALA A 158 27.59 28.51 -7.89
C ALA A 158 27.79 28.97 -9.34
N PHE A 159 27.15 30.08 -9.71
CA PHE A 159 27.23 30.62 -11.07
C PHE A 159 28.41 31.56 -11.31
N GLY A 160 29.11 31.94 -10.23
CA GLY A 160 30.27 32.81 -10.37
C GLY A 160 29.92 34.28 -10.47
N SER A 161 30.87 35.11 -10.88
CA SER A 161 30.72 36.56 -10.79
C SER A 161 30.21 37.29 -12.03
N HIS A 162 30.03 36.57 -13.14
CA HIS A 162 29.69 37.22 -14.41
C HIS A 162 28.21 37.64 -14.57
N PRO A 163 27.27 36.72 -14.32
CA PRO A 163 25.90 37.10 -14.66
C PRO A 163 25.27 38.07 -13.66
N THR A 164 24.34 38.89 -14.16
CA THR A 164 23.46 39.69 -13.31
C THR A 164 22.27 38.80 -12.95
N PHE A 165 21.80 38.91 -11.71
CA PHE A 165 20.62 38.18 -11.25
C PHE A 165 19.39 39.10 -11.25
N GLU A 166 18.35 38.67 -11.95
CA GLU A 166 17.10 39.42 -12.05
C GLU A 166 15.95 38.64 -11.44
N HIS A 167 15.25 39.27 -10.51
CA HIS A 167 14.11 38.64 -9.85
C HIS A 167 12.94 38.54 -10.82
N LEU A 168 12.53 37.32 -11.13
CA LEU A 168 11.41 37.09 -12.04
C LEU A 168 10.50 35.98 -11.51
N PRO A 169 9.72 36.29 -10.46
CA PRO A 169 8.76 35.31 -9.98
C PRO A 169 7.54 35.27 -10.92
N SER A 170 6.67 34.30 -10.72
CA SER A 170 5.44 34.23 -11.47
C SER A 170 4.56 35.43 -11.14
N GLY A 171 3.82 35.89 -12.14
CA GLY A 171 2.69 36.79 -11.87
C GLY A 171 1.42 35.99 -11.62
N VAL A 172 0.32 36.72 -11.47
CA VAL A 172 -1.00 36.10 -11.30
C VAL A 172 -2.00 36.87 -12.13
N ASP A 173 -2.96 36.16 -12.72
CA ASP A 173 -3.97 36.77 -13.56
C ASP A 173 -5.02 37.40 -12.66
N VAL A 174 -4.93 38.72 -12.46
CA VAL A 174 -5.82 39.42 -11.53
C VAL A 174 -7.22 39.68 -12.10
N LYS A 175 -7.45 39.33 -13.36
CA LYS A 175 -8.78 39.44 -13.97
C LYS A 175 -9.56 38.13 -13.85
N ARG A 176 -8.87 36.99 -13.93
CA ARG A 176 -9.48 35.69 -13.74
C ARG A 176 -9.68 35.40 -12.26
N PHE A 177 -8.64 35.60 -11.46
CA PHE A 177 -8.74 35.45 -10.01
C PHE A 177 -9.14 36.81 -9.44
N THR A 178 -10.36 36.87 -8.95
CA THR A 178 -10.96 38.13 -8.55
C THR A 178 -11.91 37.85 -7.38
N PRO A 179 -12.10 38.83 -6.47
CA PRO A 179 -13.01 38.60 -5.34
C PRO A 179 -14.46 38.32 -5.78
N ALA A 180 -15.11 37.40 -5.07
CA ALA A 180 -16.49 37.02 -5.39
C ALA A 180 -17.47 38.12 -5.01
N THR A 181 -18.52 38.28 -5.80
CA THR A 181 -19.67 39.08 -5.39
C THR A 181 -20.35 38.35 -4.25
N PRO A 182 -21.07 39.08 -3.36
CA PRO A 182 -21.79 38.42 -2.28
C PRO A 182 -22.73 37.32 -2.78
N GLU A 183 -23.41 37.59 -3.90
CA GLU A 183 -24.34 36.65 -4.51
C GLU A 183 -23.67 35.36 -4.97
N ASP A 184 -22.54 35.47 -5.66
CA ASP A 184 -21.81 34.29 -6.13
C ASP A 184 -21.24 33.48 -4.98
N LYS A 185 -20.72 34.17 -3.98
CA LYS A 185 -20.20 33.54 -2.77
C LYS A 185 -21.28 32.73 -2.06
N SER A 186 -22.49 33.29 -1.96
CA SER A 186 -23.64 32.59 -1.37
C SER A 186 -24.03 31.36 -2.17
N ALA A 187 -24.04 31.50 -3.50
CA ALA A 187 -24.41 30.40 -4.40
C ALA A 187 -23.38 29.27 -4.35
N THR A 188 -22.09 29.63 -4.36
CA THR A 188 -21.01 28.65 -4.21
C THR A 188 -21.16 27.85 -2.92
N ARG A 189 -21.42 28.54 -1.82
CA ARG A 189 -21.60 27.89 -0.53
C ARG A 189 -22.79 26.93 -0.49
N LYS A 190 -23.89 27.34 -1.13
CA LYS A 190 -25.11 26.54 -1.22
C LYS A 190 -24.83 25.24 -1.97
N LYS A 191 -24.10 25.35 -3.08
CA LYS A 191 -23.73 24.18 -3.89
C LYS A 191 -22.81 23.21 -3.13
N LEU A 192 -22.08 23.73 -2.15
CA LEU A 192 -21.22 22.91 -1.29
C LEU A 192 -21.99 22.31 -0.13
N GLY A 193 -23.20 22.84 0.13
CA GLY A 193 -24.04 22.38 1.23
C GLY A 193 -23.84 23.21 2.49
N PHE A 194 -23.21 24.37 2.33
CA PHE A 194 -22.94 25.26 3.44
C PHE A 194 -23.86 26.48 3.40
N THR A 195 -23.75 27.32 4.42
CA THR A 195 -24.49 28.59 4.47
C THR A 195 -23.50 29.75 4.50
N ASP A 196 -24.01 30.97 4.61
CA ASP A 196 -23.18 32.18 4.70
C ASP A 196 -22.35 32.27 5.99
N THR A 197 -22.72 31.49 7.00
CA THR A 197 -22.03 31.55 8.30
C THR A 197 -21.05 30.39 8.54
N THR A 198 -21.05 29.41 7.64
CA THR A 198 -20.12 28.29 7.75
C THR A 198 -18.69 28.80 7.69
N PRO A 199 -17.86 28.45 8.70
CA PRO A 199 -16.44 28.79 8.63
C PRO A 199 -15.77 27.85 7.62
N VAL A 200 -15.15 28.43 6.60
CA VAL A 200 -14.58 27.65 5.50
C VAL A 200 -13.08 27.94 5.36
N ILE A 201 -12.28 26.87 5.49
CA ILE A 201 -10.85 26.92 5.22
C ILE A 201 -10.60 26.16 3.91
N ALA A 202 -9.96 26.83 2.96
CA ALA A 202 -9.67 26.22 1.68
C ALA A 202 -8.18 25.97 1.52
N CYS A 203 -7.86 24.84 0.90
CA CYS A 203 -6.49 24.51 0.50
C CYS A 203 -6.47 23.99 -0.93
N ASN A 204 -6.00 24.82 -1.87
CA ASN A 204 -5.74 24.37 -3.23
C ASN A 204 -4.27 24.00 -3.36
N SER A 205 -4.00 22.76 -3.73
CA SER A 205 -2.63 22.29 -3.99
C SER A 205 -2.64 20.81 -4.31
N ARG A 206 -1.62 20.37 -5.03
CA ARG A 206 -1.35 18.94 -5.20
C ARG A 206 -1.29 18.27 -3.85
N LEU A 207 -1.79 17.03 -3.79
CA LEU A 207 -1.81 16.29 -2.54
C LEU A 207 -0.50 15.55 -2.38
N VAL A 208 0.49 16.27 -1.84
CA VAL A 208 1.79 15.71 -1.47
C VAL A 208 2.13 16.18 -0.06
N PRO A 209 2.95 15.41 0.70
CA PRO A 209 3.18 15.72 2.11
C PRO A 209 3.62 17.17 2.33
N ARG A 210 4.44 17.66 1.41
CA ARG A 210 5.08 18.97 1.46
C ARG A 210 4.12 20.15 1.66
N LYS A 211 2.93 20.04 1.09
CA LYS A 211 1.96 21.14 1.06
C LYS A 211 1.25 21.39 2.39
N GLY A 212 1.33 20.41 3.29
CA GLY A 212 0.82 20.58 4.64
C GLY A 212 -0.68 20.42 4.81
N GLN A 213 -1.33 19.73 3.88
CA GLN A 213 -2.72 19.32 4.06
C GLN A 213 -2.82 18.41 5.29
N ASP A 214 -1.78 17.59 5.51
CA ASP A 214 -1.72 16.74 6.69
C ASP A 214 -1.69 17.55 7.98
N SER A 215 -0.92 18.63 8.00
CA SER A 215 -0.87 19.55 9.16
C SER A 215 -2.23 20.18 9.43
N LEU A 216 -2.92 20.59 8.37
CA LEU A 216 -4.26 21.18 8.44
C LEU A 216 -5.26 20.19 9.05
N ILE A 217 -5.26 18.96 8.52
CA ILE A 217 -6.12 17.90 9.01
C ILE A 217 -5.86 17.59 10.47
N LYS A 218 -4.59 17.62 10.88
CA LYS A 218 -4.22 17.38 12.27
C LYS A 218 -4.61 18.54 13.20
N ALA A 219 -4.71 19.74 12.64
CA ALA A 219 -5.15 20.92 13.40
C ALA A 219 -6.67 20.96 13.59
N MET A 220 -7.41 20.25 12.74
CA MET A 220 -8.87 20.29 12.75
C MET A 220 -9.60 19.94 14.07
N PRO A 221 -9.17 18.86 14.79
CA PRO A 221 -9.79 18.59 16.10
C PRO A 221 -9.83 19.80 17.04
N GLN A 222 -8.72 20.54 17.13
CA GLN A 222 -8.68 21.78 17.92
C GLN A 222 -9.58 22.87 17.33
N VAL A 223 -9.54 23.04 16.01
CA VAL A 223 -10.35 24.06 15.34
C VAL A 223 -11.84 23.82 15.53
N ILE A 224 -12.28 22.58 15.33
CA ILE A 224 -13.70 22.26 15.52
C ILE A 224 -14.17 22.26 16.98
N ALA A 225 -13.25 22.03 17.92
CA ALA A 225 -13.57 22.21 19.35
C ALA A 225 -14.00 23.66 19.63
N ALA A 226 -13.37 24.61 18.94
CA ALA A 226 -13.70 26.03 19.05
C ALA A 226 -14.89 26.40 18.14
N ARG A 227 -14.90 25.86 16.92
CA ARG A 227 -15.92 26.18 15.93
C ARG A 227 -16.47 24.88 15.32
N PRO A 228 -17.46 24.26 15.98
CA PRO A 228 -17.95 22.93 15.63
C PRO A 228 -18.37 22.75 14.16
N ASP A 229 -18.80 23.83 13.51
CA ASP A 229 -19.20 23.75 12.10
C ASP A 229 -18.09 24.07 11.08
N ALA A 230 -16.86 24.31 11.55
CA ALA A 230 -15.72 24.64 10.69
C ALA A 230 -15.46 23.57 9.64
N GLN A 231 -15.21 24.01 8.41
CA GLN A 231 -15.05 23.10 7.28
C GLN A 231 -13.72 23.33 6.57
N LEU A 232 -12.97 22.24 6.41
CA LEU A 232 -11.73 22.24 5.65
C LEU A 232 -11.96 21.65 4.26
N LEU A 233 -11.66 22.43 3.24
CA LEU A 233 -11.81 21.97 1.86
C LEU A 233 -10.44 21.68 1.27
N ILE A 234 -10.27 20.42 0.86
CA ILE A 234 -9.04 19.99 0.24
C ILE A 234 -9.28 19.79 -1.25
N VAL A 235 -8.72 20.72 -2.03
CA VAL A 235 -8.91 20.75 -3.48
C VAL A 235 -7.60 20.36 -4.15
N GLY A 236 -7.64 19.31 -4.96
CA GLY A 236 -6.47 18.81 -5.66
C GLY A 236 -6.40 17.30 -5.68
N SER A 237 -5.38 16.80 -6.37
CA SER A 237 -5.14 15.37 -6.48
C SER A 237 -3.65 15.09 -6.31
N GLY A 238 -3.31 13.84 -6.04
CA GLY A 238 -1.92 13.46 -5.84
C GLY A 238 -1.77 12.18 -5.05
N ARG A 239 -0.52 11.71 -4.97
CA ARG A 239 -0.17 10.40 -4.39
C ARG A 239 -0.49 10.26 -2.90
N TYR A 240 -0.58 11.40 -2.22
CA TYR A 240 -0.72 11.43 -0.77
C TYR A 240 -2.18 11.40 -0.31
N GLU A 241 -3.11 11.31 -1.28
CA GLU A 241 -4.55 11.34 -0.99
C GLU A 241 -5.01 10.30 0.05
N SER A 242 -4.58 9.06 -0.13
CA SER A 242 -5.04 7.97 0.74
C SER A 242 -4.54 8.17 2.19
N THR A 243 -3.36 8.77 2.35
CA THR A 243 -2.84 9.11 3.67
C THR A 243 -3.68 10.22 4.31
N LEU A 244 -3.97 11.26 3.54
CA LEU A 244 -4.80 12.36 4.02
C LEU A 244 -6.19 11.91 4.46
N ARG A 245 -6.83 11.05 3.65
CA ARG A 245 -8.14 10.47 3.97
C ARG A 245 -8.08 9.64 5.26
N ARG A 246 -6.99 8.89 5.43
CA ARG A 246 -6.77 8.13 6.66
C ARG A 246 -6.64 9.08 7.85
N LEU A 247 -5.81 10.10 7.70
CA LEU A 247 -5.65 11.15 8.71
C LEU A 247 -6.95 11.88 9.04
N ALA A 248 -7.85 11.97 8.06
CA ALA A 248 -9.12 12.69 8.22
C ALA A 248 -10.25 11.89 8.87
N THR A 249 -10.00 10.61 9.14
CA THR A 249 -11.03 9.66 9.62
C THR A 249 -11.90 10.20 10.77
N ASP A 250 -11.27 10.70 11.81
CA ASP A 250 -12.01 11.15 13.01
C ASP A 250 -12.58 12.57 12.92
N VAL A 251 -12.31 13.24 11.80
CA VAL A 251 -12.88 14.57 11.52
C VAL A 251 -13.54 14.63 10.14
N SER A 252 -14.00 13.48 9.66
CA SER A 252 -14.47 13.34 8.27
C SER A 252 -15.70 14.16 7.91
N GLN A 253 -16.53 14.48 8.89
CA GLN A 253 -17.70 15.33 8.67
C GLN A 253 -17.32 16.82 8.48
N ASN A 254 -16.09 17.18 8.83
CA ASN A 254 -15.60 18.57 8.79
C ASN A 254 -14.50 18.80 7.75
N VAL A 255 -14.23 17.75 6.97
CA VAL A 255 -13.18 17.78 5.95
C VAL A 255 -13.76 17.25 4.64
N LYS A 256 -13.69 18.03 3.58
CA LYS A 256 -14.18 17.61 2.27
C LYS A 256 -13.04 17.49 1.26
N PHE A 257 -12.96 16.32 0.61
CA PHE A 257 -12.03 16.09 -0.50
C PHE A 257 -12.76 16.31 -1.83
N LEU A 258 -12.52 17.45 -2.44
CA LEU A 258 -13.29 17.87 -3.61
C LEU A 258 -12.67 17.37 -4.92
N GLY A 259 -11.50 16.74 -4.81
CA GLY A 259 -10.78 16.24 -5.97
C GLY A 259 -10.20 17.39 -6.77
N ARG A 260 -9.74 17.09 -7.98
CA ARG A 260 -9.27 18.13 -8.86
C ARG A 260 -10.49 18.78 -9.50
N LEU A 261 -10.67 20.07 -9.23
CA LEU A 261 -11.84 20.79 -9.73
C LEU A 261 -11.53 21.46 -11.05
N GLU A 262 -12.56 21.68 -11.86
CA GLU A 262 -12.44 22.48 -13.07
C GLU A 262 -12.05 23.91 -12.69
N TYR A 263 -11.30 24.54 -13.59
CA TYR A 263 -10.65 25.83 -13.32
C TYR A 263 -11.53 26.88 -12.65
N GLN A 264 -12.65 27.24 -13.29
CA GLN A 264 -13.58 28.24 -12.75
C GLN A 264 -14.24 27.78 -11.44
N ASP A 265 -14.55 26.51 -11.34
CA ASP A 265 -15.16 25.92 -10.15
C ASP A 265 -14.19 26.06 -8.96
N MET A 266 -12.91 25.85 -9.24
CA MET A 266 -11.84 25.99 -8.26
C MET A 266 -11.72 27.44 -7.79
N ILE A 267 -11.80 28.38 -8.73
CA ILE A 267 -11.75 29.82 -8.42
C ILE A 267 -12.95 30.24 -7.55
N ASN A 268 -14.14 29.78 -7.92
CA ASN A 268 -15.37 30.09 -7.20
C ASN A 268 -15.29 29.61 -5.76
N THR A 269 -14.78 28.39 -5.60
CA THR A 269 -14.60 27.75 -4.31
C THR A 269 -13.61 28.55 -3.43
N LEU A 270 -12.46 28.88 -4.02
CA LEU A 270 -11.43 29.67 -3.34
C LEU A 270 -12.00 31.01 -2.87
N ALA A 271 -12.72 31.70 -3.76
CA ALA A 271 -13.25 33.04 -3.49
C ALA A 271 -14.35 33.08 -2.42
N ALA A 272 -15.02 31.96 -2.21
CA ALA A 272 -16.08 31.85 -1.19
C ALA A 272 -15.57 31.45 0.21
N ALA A 273 -14.29 31.11 0.30
CA ALA A 273 -13.68 30.67 1.55
C ALA A 273 -13.38 31.82 2.51
N ASP A 274 -13.36 31.52 3.81
CA ASP A 274 -12.97 32.52 4.81
C ASP A 274 -11.45 32.69 4.91
N ILE A 275 -10.74 31.57 4.81
CA ILE A 275 -9.28 31.54 4.88
C ILE A 275 -8.74 30.57 3.81
N PHE A 276 -7.70 30.99 3.11
CA PHE A 276 -6.87 30.07 2.34
C PHE A 276 -5.69 29.64 3.21
N ALA A 277 -5.46 28.34 3.34
CA ALA A 277 -4.38 27.84 4.18
C ALA A 277 -3.58 26.75 3.48
N MET A 278 -2.29 26.97 3.32
CA MET A 278 -1.37 25.96 2.83
C MET A 278 -0.06 26.13 3.57
N PRO A 279 0.10 25.41 4.70
CA PRO A 279 1.28 25.58 5.57
C PRO A 279 2.47 24.73 5.08
N ALA A 280 2.95 25.06 3.89
CA ALA A 280 4.07 24.36 3.25
C ALA A 280 5.25 24.22 4.19
N ARG A 281 5.76 23.00 4.31
CA ARG A 281 6.99 22.74 5.07
C ARG A 281 8.06 22.15 4.17
N THR A 282 9.32 22.39 4.52
CA THR A 282 10.46 21.87 3.79
C THR A 282 10.79 20.47 4.30
N ARG A 283 10.91 19.53 3.36
CA ARG A 283 11.13 18.12 3.67
C ARG A 283 12.18 17.56 2.72
N GLY A 284 12.28 16.23 2.70
CA GLY A 284 13.20 15.52 1.80
C GLY A 284 14.64 15.98 1.95
N GLY A 285 15.08 16.13 3.19
CA GLY A 285 16.44 16.57 3.51
C GLY A 285 16.73 17.98 3.04
N GLY A 286 15.68 18.76 2.83
CA GLY A 286 15.83 20.16 2.42
C GLY A 286 15.58 20.38 0.95
N LEU A 287 15.38 19.29 0.22
CA LEU A 287 15.23 19.32 -1.24
C LEU A 287 13.77 19.44 -1.69
N ASP A 288 12.86 19.10 -0.79
CA ASP A 288 11.43 19.25 -1.06
C ASP A 288 10.95 20.56 -0.45
N VAL A 289 11.01 21.61 -1.27
CA VAL A 289 10.76 22.99 -0.89
C VAL A 289 9.74 23.67 -1.80
N GLU A 290 9.00 24.63 -1.24
CA GLU A 290 8.10 25.46 -2.02
C GLU A 290 8.86 26.46 -2.90
N GLY A 291 8.49 26.50 -4.17
CA GLY A 291 9.09 27.41 -5.13
C GLY A 291 8.29 28.69 -5.34
N LEU A 292 7.40 28.66 -6.33
CA LEU A 292 6.67 29.85 -6.79
C LEU A 292 5.57 30.37 -5.85
N GLY A 293 4.95 29.46 -5.09
CA GLY A 293 3.84 29.80 -4.19
C GLY A 293 2.65 30.46 -4.86
N ILE A 294 2.32 30.03 -6.07
CA ILE A 294 1.27 30.67 -6.89
C ILE A 294 -0.11 30.64 -6.22
N VAL A 295 -0.43 29.57 -5.50
CA VAL A 295 -1.72 29.44 -4.81
C VAL A 295 -1.95 30.58 -3.82
N TYR A 296 -0.87 31.07 -3.20
CA TYR A 296 -0.95 32.24 -2.31
C TYR A 296 -1.30 33.51 -3.06
N LEU A 297 -0.82 33.62 -4.29
CA LEU A 297 -1.10 34.79 -5.13
C LEU A 297 -2.53 34.76 -5.63
N GLU A 298 -3.00 33.57 -6.02
CA GLU A 298 -4.37 33.37 -6.44
C GLU A 298 -5.36 33.71 -5.33
N ALA A 299 -5.03 33.31 -4.10
CA ALA A 299 -5.87 33.57 -2.93
C ALA A 299 -5.99 35.07 -2.66
N GLN A 300 -4.85 35.76 -2.64
CA GLN A 300 -4.82 37.21 -2.45
C GLN A 300 -5.58 37.96 -3.55
N ALA A 301 -5.43 37.51 -4.80
CA ALA A 301 -6.19 38.04 -5.94
C ALA A 301 -7.71 37.88 -5.78
N CYS A 302 -8.12 36.83 -5.08
CA CYS A 302 -9.51 36.58 -4.74
C CYS A 302 -9.94 37.28 -3.44
N GLY A 303 -9.04 38.04 -2.83
CA GLY A 303 -9.33 38.81 -1.61
C GLY A 303 -9.60 37.95 -0.39
N VAL A 304 -8.88 36.84 -0.30
CA VAL A 304 -8.99 35.89 0.81
C VAL A 304 -7.70 35.92 1.63
N PRO A 305 -7.82 36.12 2.96
CA PRO A 305 -6.62 36.06 3.82
C PRO A 305 -5.90 34.71 3.75
N VAL A 306 -4.58 34.76 3.87
CA VAL A 306 -3.74 33.60 3.61
C VAL A 306 -2.98 33.17 4.86
N ILE A 307 -2.94 31.86 5.09
CA ILE A 307 -1.98 31.25 5.98
C ILE A 307 -0.96 30.48 5.14
N ALA A 308 0.30 30.92 5.22
CA ALA A 308 1.38 30.37 4.42
C ALA A 308 2.41 29.68 5.32
N GLY A 309 3.18 28.76 4.75
CA GLY A 309 4.24 28.07 5.47
C GLY A 309 5.57 28.79 5.36
N THR A 310 6.54 28.35 6.16
CA THR A 310 7.88 28.96 6.18
C THR A 310 8.79 28.40 5.10
N SER A 311 8.32 27.37 4.39
CA SER A 311 9.12 26.67 3.39
C SER A 311 9.49 27.53 2.19
N GLY A 312 10.79 27.59 1.90
CA GLY A 312 11.32 28.19 0.69
C GLY A 312 10.89 29.63 0.45
N GLY A 313 10.31 29.87 -0.72
CA GLY A 313 9.87 31.22 -1.09
C GLY A 313 8.43 31.53 -0.72
N ALA A 314 7.77 30.63 -0.02
CA ALA A 314 6.36 30.81 0.35
C ALA A 314 6.10 32.14 1.10
N PRO A 315 6.91 32.45 2.15
CA PRO A 315 6.67 33.71 2.89
C PRO A 315 6.84 34.97 2.05
N GLU A 316 7.58 34.89 0.94
CA GLU A 316 7.83 36.05 0.09
C GLU A 316 6.60 36.53 -0.69
N THR A 317 5.57 35.70 -0.76
CA THR A 317 4.37 36.01 -1.53
C THR A 317 3.33 36.80 -0.71
N VAL A 318 3.50 36.80 0.61
CA VAL A 318 2.60 37.52 1.50
C VAL A 318 3.33 38.62 2.26
N THR A 319 2.57 39.59 2.74
CA THR A 319 3.06 40.59 3.70
C THR A 319 2.26 40.39 5.00
N PRO A 320 2.74 40.93 6.13
CA PRO A 320 1.98 40.89 7.39
C PRO A 320 0.54 41.44 7.28
N ALA A 321 0.29 42.25 6.24
CA ALA A 321 -1.03 42.82 6.01
C ALA A 321 -1.98 41.88 5.26
N THR A 322 -1.42 40.88 4.56
CA THR A 322 -2.22 40.04 3.67
C THR A 322 -2.36 38.58 4.16
N GLY A 323 -1.46 38.18 5.04
CA GLY A 323 -1.41 36.78 5.46
C GLY A 323 -0.52 36.54 6.66
N LEU A 324 -0.58 35.33 7.19
CA LEU A 324 0.24 34.94 8.32
C LEU A 324 1.12 33.76 7.91
N VAL A 325 2.39 33.81 8.30
CA VAL A 325 3.32 32.72 8.05
C VAL A 325 3.42 31.85 9.28
N VAL A 326 3.31 30.54 9.09
CA VAL A 326 3.37 29.58 10.19
C VAL A 326 4.34 28.45 9.87
N GLU A 327 5.04 27.96 10.90
CA GLU A 327 5.84 26.75 10.76
C GLU A 327 4.87 25.58 10.67
N GLY A 328 4.89 24.92 9.50
CA GLY A 328 3.90 23.89 9.17
C GLY A 328 3.77 22.76 10.18
N SER A 329 4.89 22.34 10.73
CA SER A 329 4.92 21.23 11.70
C SER A 329 4.40 21.63 13.09
N ASP A 330 4.24 22.93 13.34
CA ASP A 330 3.64 23.39 14.59
C ASP A 330 2.11 23.41 14.50
N VAL A 331 1.51 22.23 14.71
CA VAL A 331 0.07 22.01 14.58
C VAL A 331 -0.73 22.83 15.61
N ASP A 332 -0.23 22.91 16.84
CA ASP A 332 -0.86 23.74 17.88
C ASP A 332 -0.96 25.21 17.46
N LYS A 333 0.12 25.77 16.94
CA LYS A 333 0.17 27.17 16.51
C LYS A 333 -0.72 27.38 15.28
N LEU A 334 -0.76 26.38 14.41
CA LEU A 334 -1.59 26.44 13.21
C LEU A 334 -3.09 26.50 13.55
N SER A 335 -3.54 25.64 14.46
CA SER A 335 -4.94 25.63 14.88
C SER A 335 -5.29 26.94 15.60
N GLU A 336 -4.37 27.43 16.41
CA GLU A 336 -4.52 28.71 17.11
C GLU A 336 -4.74 29.86 16.12
N LEU A 337 -3.89 29.94 15.10
CA LEU A 337 -3.99 30.94 14.05
C LEU A 337 -5.30 30.85 13.29
N LEU A 338 -5.69 29.62 12.94
CA LEU A 338 -6.96 29.36 12.27
C LEU A 338 -8.17 29.83 13.09
N ILE A 339 -8.26 29.35 14.33
CA ILE A 339 -9.32 29.79 15.27
C ILE A 339 -9.38 31.31 15.40
N GLU A 340 -8.24 31.94 15.67
CA GLU A 340 -8.16 33.39 15.85
C GLU A 340 -8.74 34.15 14.64
N LEU A 341 -8.32 33.77 13.44
CA LEU A 341 -8.78 34.41 12.22
C LEU A 341 -10.26 34.14 11.95
N LEU A 342 -10.71 32.92 12.24
CA LEU A 342 -12.14 32.60 12.09
C LEU A 342 -13.01 33.40 13.07
N ASP A 343 -12.47 33.72 14.24
CA ASP A 343 -13.17 34.53 15.23
C ASP A 343 -13.09 36.04 14.96
N ASP A 344 -12.34 36.43 13.92
CA ASP A 344 -12.04 37.84 13.64
C ASP A 344 -12.40 38.24 12.20
N PRO A 345 -13.72 38.33 11.89
CA PRO A 345 -14.16 38.70 10.54
C PRO A 345 -13.72 40.08 10.06
N ILE A 346 -13.61 41.04 10.96
CA ILE A 346 -13.11 42.38 10.63
C ILE A 346 -11.67 42.33 10.08
N ARG A 347 -10.77 41.64 10.79
CA ARG A 347 -9.40 41.46 10.33
C ARG A 347 -9.32 40.71 8.99
N ARG A 348 -10.14 39.67 8.85
CA ARG A 348 -10.19 38.88 7.61
C ARG A 348 -10.55 39.74 6.40
N ALA A 349 -11.59 40.56 6.54
CA ALA A 349 -12.00 41.47 5.48
C ALA A 349 -10.88 42.46 5.15
N ALA A 350 -10.23 43.00 6.17
CA ALA A 350 -9.09 43.89 5.96
C ALA A 350 -7.87 43.19 5.34
N MET A 351 -7.62 41.95 5.75
CA MET A 351 -6.51 41.14 5.20
C MET A 351 -6.75 40.76 3.75
N GLY A 352 -7.99 40.39 3.44
CA GLY A 352 -8.40 40.10 2.08
C GLY A 352 -8.35 41.29 1.14
N ALA A 353 -8.78 42.45 1.66
CA ALA A 353 -8.71 43.71 0.90
C ALA A 353 -7.26 44.08 0.60
N ALA A 354 -6.39 43.97 1.62
CA ALA A 354 -4.95 44.20 1.49
C ALA A 354 -4.32 43.21 0.52
N GLY A 355 -4.76 41.95 0.59
CA GLY A 355 -4.33 40.91 -0.35
C GLY A 355 -4.58 41.27 -1.81
N ARG A 356 -5.80 41.74 -2.11
CA ARG A 356 -6.14 42.17 -3.46
C ARG A 356 -5.27 43.34 -3.93
N ALA A 357 -5.14 44.36 -3.08
CA ALA A 357 -4.31 45.54 -3.40
C ALA A 357 -2.85 45.19 -3.63
N HIS A 358 -2.33 44.27 -2.81
CA HIS A 358 -0.95 43.77 -2.93
C HIS A 358 -0.65 43.08 -4.27
N VAL A 359 -1.54 42.20 -4.73
CA VAL A 359 -1.30 41.55 -6.04
C VAL A 359 -1.51 42.51 -7.23
N GLU A 360 -2.41 43.48 -7.07
CA GLU A 360 -2.63 44.47 -8.10
C GLU A 360 -1.39 45.34 -8.29
N ALA A 361 -0.76 45.72 -7.18
CA ALA A 361 0.42 46.58 -7.20
C ALA A 361 1.72 45.88 -7.56
N GLU A 362 1.85 44.60 -7.25
CA GLU A 362 3.15 43.95 -7.41
C GLU A 362 3.22 42.55 -7.99
N TRP A 363 2.07 41.95 -8.32
CA TRP A 363 2.07 40.54 -8.72
C TRP A 363 1.31 40.23 -10.00
N SER A 364 0.59 41.21 -10.54
CA SER A 364 -0.16 41.00 -11.77
C SER A 364 0.77 40.69 -12.93
N TRP A 365 0.23 40.09 -13.99
CA TRP A 365 1.00 39.85 -15.21
C TRP A 365 1.41 41.14 -15.93
N GLU A 366 0.64 42.20 -15.78
CA GLU A 366 1.05 43.53 -16.26
C GLU A 366 2.34 44.03 -15.57
N ILE A 367 2.38 43.92 -14.24
CA ILE A 367 3.57 44.29 -13.47
C ILE A 367 4.78 43.40 -13.84
N MET A 368 4.57 42.09 -13.80
CA MET A 368 5.65 41.14 -14.11
C MET A 368 6.13 41.23 -15.56
N GLY A 369 5.18 41.44 -16.48
CA GLY A 369 5.50 41.67 -17.90
C GLY A 369 6.48 42.80 -18.15
N GLU A 370 6.36 43.88 -17.37
CA GLU A 370 7.26 45.03 -17.43
C GLU A 370 8.70 44.62 -17.10
N ARG A 371 8.85 43.77 -16.09
CA ARG A 371 10.17 43.27 -15.69
C ARG A 371 10.84 42.50 -16.82
N LEU A 372 10.08 41.64 -17.50
CA LEU A 372 10.61 40.84 -18.60
C LEU A 372 10.93 41.71 -19.81
N THR A 373 10.03 42.64 -20.11
CA THR A 373 10.24 43.60 -21.22
C THR A 373 11.58 44.32 -21.06
N ASN A 374 11.86 44.81 -19.85
CA ASN A 374 13.14 45.43 -19.52
C ASN A 374 14.36 44.54 -19.78
N ILE A 375 14.27 43.27 -19.38
CA ILE A 375 15.36 42.33 -19.59
C ILE A 375 15.58 42.10 -21.08
N LEU A 376 14.50 41.92 -21.83
CA LEU A 376 14.60 41.59 -23.25
C LEU A 376 14.88 42.79 -24.15
N GLN A 377 14.46 43.98 -23.71
CA GLN A 377 14.58 45.18 -24.56
C GLN A 377 15.70 46.16 -24.21
N SER A 378 16.45 45.89 -23.15
CA SER A 378 17.58 46.74 -22.79
C SER A 378 18.85 46.38 -23.56
N GLU A 379 19.71 47.35 -23.79
CA GLU A 379 21.03 47.12 -24.40
C GLU A 379 21.84 46.13 -23.58
N PRO A 380 22.62 45.25 -24.26
CA PRO A 380 23.54 44.36 -23.56
C PRO A 380 24.55 45.14 -22.71
N ARG A 381 24.88 44.59 -21.54
CA ARG A 381 25.77 45.23 -20.58
C ARG A 381 27.17 45.48 -21.13
N SER B 4 -7.81 -52.61 26.94
CA SER B 4 -7.11 -51.46 26.28
C SER B 4 -6.22 -51.94 25.13
N ARG B 5 -6.55 -51.50 23.92
CA ARG B 5 -5.79 -51.83 22.71
C ARG B 5 -4.55 -50.96 22.58
N LYS B 6 -3.44 -51.60 22.22
CA LYS B 6 -2.15 -50.93 22.05
C LYS B 6 -1.91 -50.63 20.57
N THR B 7 -1.50 -49.40 20.28
CA THR B 7 -1.31 -48.97 18.89
C THR B 7 0.16 -48.69 18.57
N LEU B 8 0.62 -49.25 17.46
CA LEU B 8 1.88 -48.83 16.86
C LEU B 8 1.58 -47.82 15.75
N VAL B 9 2.10 -46.61 15.89
CA VAL B 9 2.00 -45.61 14.85
C VAL B 9 3.25 -45.71 13.96
N VAL B 10 3.03 -46.05 12.68
CA VAL B 10 4.11 -46.20 11.71
C VAL B 10 4.09 -44.99 10.80
N THR B 11 5.17 -44.23 10.80
CA THR B 11 5.16 -42.94 10.12
C THR B 11 6.52 -42.45 9.64
N ASN B 12 6.52 -41.87 8.44
CA ASN B 12 7.69 -41.17 7.93
C ASN B 12 7.69 -39.70 8.39
N ASP B 13 6.58 -39.27 8.98
CA ASP B 13 6.40 -37.89 9.42
C ASP B 13 6.21 -37.83 10.94
N PHE B 14 7.17 -37.23 11.62
CA PHE B 14 7.14 -37.11 13.07
C PHE B 14 8.06 -35.98 13.54
N PRO B 15 7.69 -35.29 14.63
CA PRO B 15 8.61 -34.30 15.22
C PRO B 15 9.96 -34.97 15.58
N PRO B 16 11.03 -34.16 15.77
CA PRO B 16 11.10 -32.69 15.85
C PRO B 16 11.04 -31.95 14.50
N ARG B 17 11.02 -32.68 13.39
CA ARG B 17 10.82 -32.07 12.08
C ARG B 17 9.48 -31.34 12.02
N ILE B 18 9.50 -30.11 11.50
CA ILE B 18 8.33 -29.25 11.47
C ILE B 18 7.50 -29.47 10.21
N GLY B 19 6.18 -29.59 10.37
CA GLY B 19 5.28 -29.80 9.24
C GLY B 19 3.85 -30.06 9.67
N GLY B 20 2.93 -30.07 8.70
CA GLY B 20 1.50 -30.23 8.96
C GLY B 20 1.11 -31.61 9.46
N ILE B 21 1.64 -32.66 8.82
CA ILE B 21 1.38 -34.04 9.23
C ILE B 21 2.07 -34.35 10.57
N GLN B 22 3.26 -33.82 10.77
CA GLN B 22 3.97 -33.91 12.04
C GLN B 22 3.14 -33.37 13.20
N SER B 23 2.58 -32.17 13.02
CA SER B 23 1.73 -31.53 14.04
C SER B 23 0.44 -32.30 14.27
N TYR B 24 -0.17 -32.75 13.16
CA TYR B 24 -1.39 -33.54 13.16
C TYR B 24 -1.21 -34.80 14.00
N LEU B 25 -0.17 -35.59 13.69
CA LEU B 25 0.09 -36.83 14.44
C LEU B 25 0.53 -36.57 15.88
N ARG B 26 1.37 -35.56 16.08
CA ARG B 26 1.84 -35.21 17.44
C ARG B 26 0.67 -34.89 18.38
N ASP B 27 -0.27 -34.09 17.88
CA ASP B 27 -1.39 -33.63 18.67
C ASP B 27 -2.47 -34.70 18.85
N PHE B 28 -2.71 -35.52 17.83
CA PHE B 28 -3.64 -36.65 17.99
C PHE B 28 -3.15 -37.71 18.98
N ILE B 29 -1.86 -38.04 18.91
CA ILE B 29 -1.25 -38.99 19.83
C ILE B 29 -1.34 -38.52 21.28
N ALA B 30 -1.14 -37.23 21.50
CA ALA B 30 -1.23 -36.59 22.82
C ALA B 30 -2.61 -36.72 23.50
N THR B 31 -3.64 -36.96 22.71
CA THR B 31 -4.99 -37.11 23.25
C THR B 31 -5.23 -38.51 23.81
N GLN B 32 -4.33 -39.44 23.48
CA GLN B 32 -4.48 -40.85 23.87
C GLN B 32 -3.69 -41.14 25.14
N ASP B 33 -4.05 -42.26 25.78
CA ASP B 33 -3.30 -42.80 26.92
C ASP B 33 -1.91 -43.17 26.43
N PRO B 34 -0.86 -42.51 26.97
CA PRO B 34 0.53 -42.76 26.56
C PRO B 34 0.99 -44.22 26.68
N GLU B 35 0.38 -44.97 27.60
CA GLU B 35 0.69 -46.40 27.79
C GLU B 35 0.20 -47.29 26.64
N SER B 36 -0.72 -46.77 25.84
CA SER B 36 -1.28 -47.53 24.72
C SER B 36 -0.68 -47.18 23.35
N ILE B 37 0.42 -46.40 23.36
CA ILE B 37 1.00 -45.82 22.16
C ILE B 37 2.49 -46.14 22.03
N VAL B 38 2.86 -46.64 20.86
CA VAL B 38 4.25 -46.76 20.44
C VAL B 38 4.34 -46.13 19.05
N VAL B 39 5.42 -45.40 18.80
CA VAL B 39 5.66 -44.80 17.50
C VAL B 39 6.89 -45.44 16.86
N PHE B 40 6.76 -45.77 15.58
CA PHE B 40 7.88 -46.24 14.76
C PHE B 40 8.06 -45.20 13.65
N ALA B 41 9.13 -44.40 13.78
CA ALA B 41 9.32 -43.22 12.95
C ALA B 41 10.73 -43.14 12.34
N SER B 42 10.80 -42.52 11.17
CA SER B 42 12.05 -42.22 10.52
C SER B 42 12.79 -41.12 11.28
N THR B 43 14.08 -41.00 11.02
CA THR B 43 14.96 -40.06 11.72
C THR B 43 15.63 -39.14 10.71
N GLN B 44 15.40 -37.84 10.86
CA GLN B 44 16.04 -36.84 10.01
C GLN B 44 17.31 -36.29 10.65
N ASN B 45 17.30 -36.15 11.96
CA ASN B 45 18.47 -35.69 12.73
C ASN B 45 18.53 -36.50 14.01
N ALA B 46 19.53 -37.36 14.13
CA ALA B 46 19.57 -38.35 15.21
C ALA B 46 19.69 -37.77 16.61
N GLU B 47 20.43 -36.66 16.73
CA GLU B 47 20.62 -36.02 18.03
C GLU B 47 19.38 -35.26 18.46
N GLU B 48 18.75 -34.57 17.51
CA GLU B 48 17.54 -33.82 17.77
C GLU B 48 16.35 -34.75 18.02
N ALA B 49 16.31 -35.86 17.29
CA ALA B 49 15.27 -36.87 17.47
C ALA B 49 15.33 -37.49 18.86
N HIS B 50 16.54 -37.87 19.28
CA HIS B 50 16.76 -38.47 20.60
C HIS B 50 16.35 -37.53 21.73
N ALA B 51 16.74 -36.26 21.60
CA ALA B 51 16.45 -35.22 22.59
C ALA B 51 14.95 -34.99 22.70
N TYR B 52 14.28 -34.91 21.56
CA TYR B 52 12.82 -34.78 21.54
C TYR B 52 12.11 -35.99 22.17
N ASP B 53 12.57 -37.19 21.84
CA ASP B 53 11.93 -38.42 22.31
C ASP B 53 12.00 -38.56 23.84
N LYS B 54 13.04 -37.99 24.45
CA LYS B 54 13.20 -37.98 25.91
C LYS B 54 12.14 -37.18 26.64
N THR B 55 11.55 -36.19 25.96
CA THR B 55 10.55 -35.32 26.58
C THR B 55 9.19 -36.00 26.71
N LEU B 56 8.98 -37.07 25.93
CA LEU B 56 7.67 -37.70 25.79
C LEU B 56 7.42 -38.80 26.83
N ASP B 57 6.15 -39.12 27.04
CA ASP B 57 5.74 -40.16 28.00
C ASP B 57 5.34 -41.48 27.32
N TYR B 58 5.56 -41.57 26.02
CA TYR B 58 5.35 -42.81 25.27
C TYR B 58 6.60 -43.16 24.45
N GLU B 59 6.74 -44.44 24.10
CA GLU B 59 7.91 -44.94 23.36
C GLU B 59 7.93 -44.48 21.90
N VAL B 60 9.07 -43.97 21.47
CA VAL B 60 9.35 -43.75 20.05
C VAL B 60 10.53 -44.63 19.66
N ILE B 61 10.31 -45.52 18.71
CA ILE B 61 11.38 -46.33 18.14
C ILE B 61 11.79 -45.67 16.84
N ARG B 62 13.06 -45.27 16.75
CA ARG B 62 13.57 -44.58 15.58
C ARG B 62 14.13 -45.54 14.55
N TRP B 63 13.62 -45.44 13.33
CA TRP B 63 14.18 -46.11 12.17
C TRP B 63 15.34 -45.24 11.67
N PRO B 64 16.57 -45.79 11.65
CA PRO B 64 17.75 -44.97 11.33
C PRO B 64 17.90 -44.68 9.83
N ARG B 65 16.80 -44.25 9.20
CA ARG B 65 16.83 -43.75 7.83
C ARG B 65 16.08 -42.45 7.80
N SER B 66 16.51 -41.57 6.90
CA SER B 66 15.86 -40.28 6.69
C SER B 66 14.45 -40.48 6.16
N VAL B 67 14.27 -41.50 5.33
CA VAL B 67 12.97 -41.81 4.75
C VAL B 67 12.65 -43.27 5.02
N MET B 68 11.50 -43.52 5.63
CA MET B 68 10.97 -44.86 5.82
C MET B 68 10.20 -45.32 4.58
N LEU B 69 10.66 -46.42 3.99
CA LEU B 69 10.11 -46.94 2.73
C LEU B 69 9.50 -48.33 2.94
N PRO B 70 8.45 -48.67 2.15
CA PRO B 70 7.81 -49.99 2.33
C PRO B 70 8.60 -51.15 1.72
N THR B 71 9.86 -51.29 2.10
CA THR B 71 10.70 -52.38 1.62
C THR B 71 10.50 -53.64 2.47
N PRO B 72 10.97 -54.81 1.97
CA PRO B 72 10.93 -56.01 2.81
C PRO B 72 11.62 -55.87 4.18
N THR B 73 12.77 -55.19 4.26
CA THR B 73 13.47 -55.07 5.56
C THR B 73 12.77 -54.12 6.54
N THR B 74 12.12 -53.08 6.02
CA THR B 74 11.33 -52.18 6.86
C THR B 74 10.09 -52.94 7.38
N ALA B 75 9.45 -53.71 6.50
CA ALA B 75 8.34 -54.58 6.86
C ALA B 75 8.70 -55.54 7.99
N HIS B 76 9.83 -56.22 7.84
CA HIS B 76 10.30 -57.18 8.86
C HIS B 76 10.57 -56.48 10.20
N ALA B 77 11.18 -55.30 10.14
CA ALA B 77 11.46 -54.52 11.36
C ALA B 77 10.17 -54.11 12.07
N MET B 78 9.16 -53.68 11.30
CA MET B 78 7.84 -53.35 11.84
C MET B 78 7.21 -54.60 12.47
N ALA B 79 7.27 -55.73 11.77
CA ALA B 79 6.71 -56.99 12.24
C ALA B 79 7.29 -57.38 13.59
N GLU B 80 8.60 -57.22 13.74
CA GLU B 80 9.32 -57.50 14.98
C GLU B 80 8.78 -56.67 16.15
N ILE B 81 8.53 -55.38 15.92
CA ILE B 81 7.96 -54.49 16.92
C ILE B 81 6.54 -54.92 17.30
N ILE B 82 5.74 -55.30 16.31
CA ILE B 82 4.36 -55.75 16.54
C ILE B 82 4.33 -56.97 17.48
N ARG B 83 5.19 -57.95 17.20
CA ARG B 83 5.28 -59.16 18.07
C ARG B 83 5.84 -58.84 19.47
N GLU B 84 6.92 -58.07 19.53
CA GLU B 84 7.62 -57.82 20.80
C GLU B 84 6.88 -56.88 21.76
N ARG B 85 6.22 -55.86 21.22
CA ARG B 85 5.43 -54.91 22.02
C ARG B 85 3.96 -55.33 22.17
N GLU B 86 3.61 -56.49 21.63
CA GLU B 86 2.24 -57.01 21.65
C GLU B 86 1.23 -55.98 21.15
N ILE B 87 1.43 -55.53 19.91
CA ILE B 87 0.63 -54.48 19.30
C ILE B 87 -0.73 -55.02 18.81
N ASP B 88 -1.79 -54.28 19.14
CA ASP B 88 -3.16 -54.60 18.69
C ASP B 88 -3.56 -53.85 17.41
N ASN B 89 -3.36 -52.53 17.38
CA ASN B 89 -3.63 -51.71 16.20
C ASN B 89 -2.33 -51.26 15.52
N VAL B 90 -2.31 -51.27 14.20
CA VAL B 90 -1.25 -50.58 13.47
C VAL B 90 -1.87 -49.41 12.72
N TRP B 91 -1.41 -48.21 13.07
CA TRP B 91 -1.88 -46.99 12.46
C TRP B 91 -0.78 -46.40 11.59
N PHE B 92 -1.01 -46.42 10.28
CA PHE B 92 -0.10 -45.80 9.33
C PHE B 92 -0.39 -44.30 9.24
N GLY B 93 0.58 -43.48 9.64
CA GLY B 93 0.42 -42.02 9.67
C GLY B 93 0.02 -41.39 8.36
N ALA B 94 0.49 -41.99 7.27
CA ALA B 94 0.09 -41.63 5.92
C ALA B 94 -0.14 -42.94 5.17
N ALA B 95 -1.29 -43.04 4.51
CA ALA B 95 -1.69 -44.27 3.82
C ALA B 95 -0.73 -44.69 2.71
N ALA B 96 -0.39 -43.77 1.81
CA ALA B 96 0.43 -44.09 0.65
C ALA B 96 1.85 -43.53 0.82
N PRO B 97 2.88 -44.40 0.70
CA PRO B 97 2.86 -45.84 0.38
C PRO B 97 2.91 -46.82 1.57
N LEU B 98 3.21 -46.34 2.77
CA LEU B 98 3.53 -47.24 3.89
C LEU B 98 2.44 -48.25 4.30
N ALA B 99 1.18 -47.93 4.03
CA ALA B 99 0.09 -48.85 4.37
C ALA B 99 0.09 -50.11 3.49
N LEU B 100 1.01 -50.16 2.51
CA LEU B 100 1.25 -51.39 1.75
C LEU B 100 1.86 -52.50 2.63
N MET B 101 2.39 -52.13 3.80
CA MET B 101 2.88 -53.12 4.77
C MET B 101 1.80 -53.63 5.71
N ALA B 102 0.54 -53.27 5.45
CA ALA B 102 -0.60 -53.68 6.28
C ALA B 102 -0.78 -55.20 6.37
N GLY B 103 -0.55 -55.89 5.26
CA GLY B 103 -0.65 -57.35 5.22
C GLY B 103 0.34 -57.99 6.18
N THR B 104 1.57 -57.48 6.17
CA THR B 104 2.62 -57.92 7.08
C THR B 104 2.24 -57.63 8.54
N ALA B 105 1.70 -56.43 8.78
CA ALA B 105 1.26 -56.02 10.11
C ALA B 105 0.29 -57.03 10.72
N LYS B 106 -0.69 -57.45 9.92
CA LYS B 106 -1.68 -58.44 10.35
C LYS B 106 -1.08 -59.84 10.54
N GLN B 107 -0.16 -60.23 9.67
CA GLN B 107 0.57 -61.50 9.84
C GLN B 107 1.41 -61.52 11.12
N ALA B 108 1.85 -60.35 11.55
CA ALA B 108 2.66 -60.22 12.77
C ALA B 108 1.84 -60.19 14.07
N GLY B 109 0.52 -60.08 13.94
CA GLY B 109 -0.37 -60.19 15.08
C GLY B 109 -1.34 -59.05 15.30
N ALA B 110 -1.23 -57.99 14.50
CA ALA B 110 -2.14 -56.85 14.61
C ALA B 110 -3.54 -57.27 14.18
N SER B 111 -4.53 -56.91 14.99
CA SER B 111 -5.92 -57.28 14.71
C SER B 111 -6.73 -56.16 14.07
N LYS B 112 -6.13 -54.97 13.95
CA LYS B 112 -6.77 -53.84 13.28
C LYS B 112 -5.71 -52.95 12.63
N VAL B 113 -5.95 -52.56 11.37
CA VAL B 113 -5.08 -51.63 10.66
C VAL B 113 -5.85 -50.35 10.31
N ILE B 114 -5.27 -49.23 10.72
CA ILE B 114 -5.80 -47.89 10.43
C ILE B 114 -4.77 -47.17 9.57
N ALA B 115 -5.24 -46.39 8.61
CA ALA B 115 -4.35 -45.60 7.77
C ALA B 115 -4.96 -44.23 7.57
N SER B 116 -4.14 -43.18 7.68
CA SER B 116 -4.61 -41.82 7.53
C SER B 116 -4.34 -41.26 6.13
N THR B 117 -5.37 -40.68 5.53
CA THR B 117 -5.21 -39.97 4.28
C THR B 117 -5.12 -38.47 4.57
N HIS B 118 -4.49 -37.73 3.66
CA HIS B 118 -4.30 -36.30 3.86
C HIS B 118 -4.73 -35.45 2.66
N GLY B 119 -5.20 -36.10 1.60
CA GLY B 119 -5.88 -35.42 0.49
C GLY B 119 -5.17 -35.35 -0.85
N HIS B 120 -3.98 -35.94 -0.95
CA HIS B 120 -3.22 -35.87 -2.20
C HIS B 120 -2.94 -37.25 -2.83
N GLU B 121 -3.63 -38.26 -2.33
CA GLU B 121 -3.50 -39.64 -2.80
C GLU B 121 -4.04 -39.83 -4.22
N VAL B 122 -5.09 -39.08 -4.57
CA VAL B 122 -5.75 -39.21 -5.87
C VAL B 122 -5.69 -37.89 -6.63
N GLY B 123 -5.24 -37.94 -7.87
CA GLY B 123 -5.11 -36.76 -8.71
C GLY B 123 -4.48 -37.11 -10.03
N TRP B 124 -4.44 -36.14 -10.95
CA TRP B 124 -3.97 -36.42 -12.29
C TRP B 124 -2.45 -36.63 -12.43
N SER B 125 -1.70 -36.28 -11.38
CA SER B 125 -0.26 -36.49 -11.36
C SER B 125 0.15 -37.80 -10.64
N MET B 126 -0.84 -38.63 -10.29
CA MET B 126 -0.62 -39.97 -9.74
C MET B 126 0.38 -40.76 -10.58
N LEU B 127 1.32 -41.41 -9.91
CA LEU B 127 2.37 -42.20 -10.58
C LEU B 127 1.83 -43.52 -11.12
N PRO B 128 2.53 -44.13 -12.12
CA PRO B 128 2.14 -45.45 -12.58
C PRO B 128 2.25 -46.49 -11.47
N GLY B 129 1.24 -47.33 -11.33
CA GLY B 129 1.16 -48.29 -10.23
C GLY B 129 0.41 -47.78 -9.01
N SER B 130 0.15 -46.47 -8.97
CA SER B 130 -0.44 -45.84 -7.78
C SER B 130 -1.91 -46.23 -7.50
N ARG B 131 -2.71 -46.35 -8.56
CA ARG B 131 -4.11 -46.74 -8.40
C ARG B 131 -4.29 -48.16 -7.87
N GLN B 132 -3.48 -49.09 -8.38
CA GLN B 132 -3.47 -50.46 -7.89
C GLN B 132 -2.96 -50.54 -6.44
N SER B 133 -2.01 -49.67 -6.09
CA SER B 133 -1.53 -49.54 -4.70
C SER B 133 -2.63 -49.13 -3.74
N LEU B 134 -3.44 -48.16 -4.13
CA LEU B 134 -4.53 -47.69 -3.28
C LEU B 134 -5.61 -48.76 -3.11
N ARG B 135 -5.79 -49.58 -4.14
CA ARG B 135 -6.67 -50.73 -4.07
C ARG B 135 -6.16 -51.78 -3.08
N LYS B 136 -4.88 -52.12 -3.21
CA LYS B 136 -4.21 -53.01 -2.28
C LYS B 136 -4.34 -52.49 -0.84
N ILE B 137 -4.04 -51.19 -0.65
CA ILE B 137 -4.15 -50.58 0.68
C ILE B 137 -5.57 -50.74 1.21
N GLY B 138 -6.55 -50.46 0.35
CA GLY B 138 -7.96 -50.56 0.72
C GLY B 138 -8.41 -51.92 1.22
N THR B 139 -7.95 -52.99 0.58
CA THR B 139 -8.39 -54.34 0.94
C THR B 139 -7.84 -54.79 2.29
N GLU B 140 -6.67 -54.29 2.65
CA GLU B 140 -5.97 -54.71 3.87
C GLU B 140 -6.15 -53.74 5.06
N VAL B 141 -6.59 -52.51 4.78
CA VAL B 141 -6.82 -51.52 5.81
C VAL B 141 -8.29 -51.57 6.26
N ASP B 142 -8.50 -51.59 7.58
CA ASP B 142 -9.84 -51.65 8.15
C ASP B 142 -10.51 -50.28 8.27
N VAL B 143 -9.72 -49.27 8.66
CA VAL B 143 -10.20 -47.90 8.81
C VAL B 143 -9.29 -46.92 8.06
N LEU B 144 -9.87 -46.20 7.10
CA LEU B 144 -9.17 -45.08 6.48
C LEU B 144 -9.70 -43.79 7.05
N THR B 145 -8.82 -42.97 7.63
CA THR B 145 -9.27 -41.67 8.13
C THR B 145 -9.07 -40.64 7.03
N TYR B 146 -9.94 -39.65 7.00
CA TYR B 146 -9.87 -38.58 6.00
C TYR B 146 -10.11 -37.23 6.66
N ILE B 147 -9.50 -36.18 6.11
CA ILE B 147 -9.50 -34.86 6.77
C ILE B 147 -10.74 -34.00 6.47
N SER B 148 -11.42 -34.27 5.36
CA SER B 148 -12.58 -33.47 4.98
C SER B 148 -13.48 -34.21 4.00
N GLN B 149 -14.73 -33.78 3.92
CA GLN B 149 -15.69 -34.31 2.96
C GLN B 149 -15.19 -34.13 1.52
N TYR B 150 -14.53 -33.00 1.27
CA TYR B 150 -13.94 -32.71 -0.04
C TYR B 150 -12.97 -33.80 -0.50
N THR B 151 -12.01 -34.16 0.36
CA THR B 151 -11.05 -35.22 0.04
C THR B 151 -11.73 -36.58 -0.17
N LEU B 152 -12.70 -36.90 0.68
CA LEU B 152 -13.47 -38.13 0.55
C LEU B 152 -14.12 -38.24 -0.82
N ARG B 153 -14.78 -37.16 -1.26
CA ARG B 153 -15.38 -37.08 -2.59
C ARG B 153 -14.34 -37.30 -3.69
N ARG B 154 -13.18 -36.67 -3.55
CA ARG B 154 -12.11 -36.75 -4.55
C ARG B 154 -11.53 -38.15 -4.74
N PHE B 155 -11.52 -38.95 -3.67
CA PHE B 155 -11.01 -40.32 -3.75
C PHE B 155 -11.88 -41.17 -4.65
N LYS B 156 -13.17 -40.85 -4.71
CA LYS B 156 -14.17 -41.72 -5.36
C LYS B 156 -14.05 -43.15 -4.82
N SER B 157 -13.93 -44.15 -5.69
CA SER B 157 -13.82 -45.52 -5.21
C SER B 157 -12.40 -46.08 -5.32
N ALA B 158 -11.40 -45.19 -5.27
CA ALA B 158 -9.99 -45.55 -5.39
C ALA B 158 -9.55 -46.67 -4.44
N PHE B 159 -10.05 -46.62 -3.21
CA PHE B 159 -9.67 -47.60 -2.17
C PHE B 159 -10.55 -48.86 -2.16
N GLY B 160 -11.60 -48.88 -2.97
CA GLY B 160 -12.46 -50.05 -3.05
C GLY B 160 -13.46 -50.14 -1.92
N SER B 161 -14.09 -51.30 -1.78
CA SER B 161 -15.25 -51.44 -0.89
C SER B 161 -14.98 -51.94 0.53
N HIS B 162 -13.73 -52.31 0.83
CA HIS B 162 -13.42 -52.89 2.14
C HIS B 162 -13.34 -51.92 3.34
N PRO B 163 -12.57 -50.81 3.21
CA PRO B 163 -12.34 -50.05 4.44
C PRO B 163 -13.53 -49.17 4.82
N THR B 164 -13.66 -48.92 6.11
CA THR B 164 -14.58 -47.89 6.60
C THR B 164 -13.83 -46.56 6.59
N PHE B 165 -14.54 -45.50 6.24
CA PHE B 165 -13.97 -44.16 6.23
C PHE B 165 -14.41 -43.38 7.47
N GLU B 166 -13.43 -42.90 8.23
CA GLU B 166 -13.69 -42.15 9.45
C GLU B 166 -13.18 -40.72 9.34
N HIS B 167 -14.04 -39.76 9.61
CA HIS B 167 -13.69 -38.36 9.51
C HIS B 167 -12.78 -37.99 10.67
N LEU B 168 -11.55 -37.59 10.36
CA LEU B 168 -10.60 -37.20 11.37
C LEU B 168 -9.84 -35.94 10.95
N PRO B 169 -10.51 -34.78 11.02
CA PRO B 169 -9.81 -33.53 10.74
C PRO B 169 -8.96 -33.14 11.95
N SER B 170 -8.12 -32.12 11.77
CA SER B 170 -7.33 -31.61 12.87
C SER B 170 -8.25 -30.98 13.90
N GLY B 171 -7.88 -31.10 15.18
CA GLY B 171 -8.47 -30.27 16.22
C GLY B 171 -7.73 -28.94 16.31
N VAL B 172 -8.14 -28.12 17.29
CA VAL B 172 -7.46 -26.87 17.60
C VAL B 172 -7.33 -26.75 19.11
N ASP B 173 -6.24 -26.15 19.57
CA ASP B 173 -6.00 -26.03 21.01
C ASP B 173 -6.77 -24.80 21.51
N VAL B 174 -7.94 -25.06 22.10
CA VAL B 174 -8.85 -23.97 22.51
C VAL B 174 -8.41 -23.25 23.80
N LYS B 175 -7.34 -23.74 24.44
CA LYS B 175 -6.77 -23.06 25.62
C LYS B 175 -5.64 -22.11 25.22
N ARG B 176 -4.88 -22.48 24.19
CA ARG B 176 -3.81 -21.62 23.68
C ARG B 176 -4.39 -20.51 22.80
N PHE B 177 -5.26 -20.89 21.88
CA PHE B 177 -5.97 -19.94 21.04
C PHE B 177 -7.28 -19.57 21.75
N THR B 178 -7.33 -18.34 22.23
CA THR B 178 -8.41 -17.91 23.10
C THR B 178 -8.68 -16.43 22.82
N PRO B 179 -9.94 -15.97 23.01
CA PRO B 179 -10.20 -14.54 22.77
C PRO B 179 -9.40 -13.63 23.69
N ALA B 180 -8.95 -12.50 23.14
CA ALA B 180 -8.16 -11.52 23.90
C ALA B 180 -9.03 -10.76 24.91
N THR B 181 -8.45 -10.44 26.06
CA THR B 181 -9.04 -9.47 26.98
C THR B 181 -8.99 -8.11 26.30
N PRO B 182 -9.92 -7.20 26.65
CA PRO B 182 -9.87 -5.85 26.07
C PRO B 182 -8.50 -5.17 26.27
N GLU B 183 -7.91 -5.37 27.45
CA GLU B 183 -6.60 -4.79 27.77
C GLU B 183 -5.48 -5.30 26.88
N ASP B 184 -5.41 -6.62 26.68
CA ASP B 184 -4.38 -7.20 25.82
C ASP B 184 -4.56 -6.80 24.36
N LYS B 185 -5.81 -6.77 23.90
CA LYS B 185 -6.13 -6.34 22.55
C LYS B 185 -5.67 -4.90 22.30
N SER B 186 -5.90 -4.01 23.27
CA SER B 186 -5.44 -2.62 23.19
C SER B 186 -3.92 -2.53 23.17
N ALA B 187 -3.27 -3.34 23.99
CA ALA B 187 -1.80 -3.34 24.06
C ALA B 187 -1.19 -3.87 22.76
N THR B 188 -1.76 -4.96 22.22
CA THR B 188 -1.30 -5.50 20.93
C THR B 188 -1.39 -4.45 19.81
N ARG B 189 -2.51 -3.74 19.77
CA ARG B 189 -2.72 -2.70 18.76
C ARG B 189 -1.75 -1.54 18.90
N LYS B 190 -1.45 -1.16 20.15
CA LYS B 190 -0.48 -0.10 20.44
C LYS B 190 0.91 -0.46 19.93
N LYS B 191 1.33 -1.70 20.19
CA LYS B 191 2.61 -2.21 19.72
C LYS B 191 2.71 -2.26 18.20
N LEU B 192 1.57 -2.40 17.52
CA LEU B 192 1.52 -2.37 16.07
C LEU B 192 1.45 -0.95 15.53
N GLY B 193 1.17 0.01 16.40
CA GLY B 193 1.08 1.42 16.01
C GLY B 193 -0.34 1.83 15.69
N PHE B 194 -1.29 0.98 16.05
CA PHE B 194 -2.70 1.23 15.79
C PHE B 194 -3.41 1.67 17.08
N THR B 195 -4.69 2.01 16.95
CA THR B 195 -5.55 2.32 18.08
C THR B 195 -6.69 1.31 18.17
N ASP B 196 -7.58 1.51 19.14
CA ASP B 196 -8.77 0.68 19.32
C ASP B 196 -9.78 0.76 18.17
N THR B 197 -9.70 1.81 17.35
CA THR B 197 -10.66 2.02 16.26
C THR B 197 -10.13 1.65 14.88
N THR B 198 -8.85 1.32 14.81
CA THR B 198 -8.24 0.90 13.55
C THR B 198 -8.95 -0.36 13.04
N PRO B 199 -9.45 -0.34 11.78
CA PRO B 199 -9.99 -1.55 11.19
C PRO B 199 -8.84 -2.46 10.80
N VAL B 200 -8.81 -3.67 11.38
CA VAL B 200 -7.67 -4.58 11.18
C VAL B 200 -8.12 -5.90 10.56
N ILE B 201 -7.54 -6.21 9.40
CA ILE B 201 -7.73 -7.50 8.75
C ILE B 201 -6.44 -8.30 8.90
N ALA B 202 -6.55 -9.51 9.45
CA ALA B 202 -5.40 -10.37 9.63
C ALA B 202 -5.44 -11.56 8.67
N CYS B 203 -4.27 -11.92 8.16
CA CYS B 203 -4.09 -13.14 7.39
C CYS B 203 -2.84 -13.91 7.87
N ASN B 204 -3.05 -15.00 8.60
CA ASN B 204 -1.96 -15.90 8.97
C ASN B 204 -1.93 -17.03 7.97
N SER B 205 -0.79 -17.20 7.30
CA SER B 205 -0.58 -18.32 6.37
C SER B 205 0.76 -18.17 5.66
N ARG B 206 1.30 -19.30 5.20
CA ARG B 206 2.45 -19.30 4.31
C ARG B 206 2.17 -18.39 3.11
N LEU B 207 3.20 -17.70 2.66
CA LEU B 207 3.06 -16.79 1.54
C LEU B 207 3.23 -17.54 0.23
N VAL B 208 2.14 -18.14 -0.25
CA VAL B 208 2.09 -18.85 -1.52
C VAL B 208 0.81 -18.38 -2.22
N PRO B 209 0.78 -18.42 -3.57
CA PRO B 209 -0.35 -17.83 -4.31
C PRO B 209 -1.70 -18.35 -3.84
N ARG B 210 -1.73 -19.64 -3.55
CA ARG B 210 -2.92 -20.40 -3.15
C ARG B 210 -3.73 -19.76 -2.03
N LYS B 211 -3.02 -19.15 -1.07
CA LYS B 211 -3.65 -18.67 0.17
C LYS B 211 -4.44 -17.38 0.00
N GLY B 212 -4.23 -16.70 -1.13
CA GLY B 212 -5.05 -15.56 -1.49
C GLY B 212 -4.71 -14.25 -0.79
N GLN B 213 -3.47 -14.14 -0.30
CA GLN B 213 -2.95 -12.85 0.16
C GLN B 213 -2.93 -11.88 -1.01
N ASP B 214 -2.65 -12.40 -2.21
CA ASP B 214 -2.68 -11.56 -3.42
C ASP B 214 -4.08 -11.00 -3.68
N SER B 215 -5.12 -11.82 -3.49
CA SER B 215 -6.52 -11.38 -3.61
C SER B 215 -6.89 -10.29 -2.61
N LEU B 216 -6.40 -10.47 -1.37
CA LEU B 216 -6.62 -9.51 -0.29
C LEU B 216 -6.01 -8.16 -0.63
N ILE B 217 -4.73 -8.19 -1.03
CA ILE B 217 -3.99 -6.99 -1.43
C ILE B 217 -4.68 -6.26 -2.60
N LYS B 218 -5.17 -7.03 -3.57
CA LYS B 218 -5.91 -6.47 -4.70
C LYS B 218 -7.27 -5.88 -4.31
N ALA B 219 -7.85 -6.38 -3.22
CA ALA B 219 -9.12 -5.85 -2.70
C ALA B 219 -8.94 -4.54 -1.91
N MET B 220 -7.73 -4.30 -1.44
CA MET B 220 -7.44 -3.17 -0.55
C MET B 220 -7.76 -1.76 -1.08
N PRO B 221 -7.42 -1.46 -2.36
CA PRO B 221 -7.84 -0.16 -2.89
C PRO B 221 -9.33 0.17 -2.67
N GLN B 222 -10.20 -0.81 -2.93
CA GLN B 222 -11.64 -0.64 -2.69
C GLN B 222 -11.96 -0.52 -1.19
N VAL B 223 -11.33 -1.36 -0.37
CA VAL B 223 -11.57 -1.35 1.08
C VAL B 223 -11.18 -0.01 1.70
N ILE B 224 -10.00 0.49 1.35
CA ILE B 224 -9.53 1.77 1.91
C ILE B 224 -10.30 2.98 1.34
N ALA B 225 -10.86 2.86 0.16
CA ALA B 225 -11.74 3.91 -0.36
C ALA B 225 -12.94 4.12 0.56
N ALA B 226 -13.41 3.02 1.16
CA ALA B 226 -14.51 3.03 2.11
C ALA B 226 -14.03 3.30 3.55
N ARG B 227 -12.91 2.71 3.92
CA ARG B 227 -12.34 2.86 5.25
C ARG B 227 -10.86 3.21 5.15
N PRO B 228 -10.54 4.52 5.00
CA PRO B 228 -9.17 4.96 4.71
C PRO B 228 -8.09 4.48 5.68
N ASP B 229 -8.45 4.19 6.93
CA ASP B 229 -7.48 3.70 7.91
C ASP B 229 -7.41 2.17 8.04
N ALA B 230 -8.14 1.46 7.18
CA ALA B 230 -8.14 -0.02 7.19
C ALA B 230 -6.74 -0.59 6.98
N GLN B 231 -6.39 -1.58 7.81
CA GLN B 231 -5.06 -2.19 7.78
C GLN B 231 -5.11 -3.69 7.52
N LEU B 232 -4.33 -4.12 6.54
CA LEU B 232 -4.15 -5.54 6.25
C LEU B 232 -2.83 -6.03 6.82
N LEU B 233 -2.91 -7.03 7.70
CA LEU B 233 -1.72 -7.64 8.27
C LEU B 233 -1.45 -9.00 7.63
N ILE B 234 -0.29 -9.12 7.01
CA ILE B 234 0.15 -10.36 6.38
C ILE B 234 1.22 -11.00 7.25
N VAL B 235 0.84 -12.08 7.92
CA VAL B 235 1.71 -12.80 8.83
C VAL B 235 2.12 -14.12 8.21
N GLY B 236 3.42 -14.31 8.04
CA GLY B 236 3.96 -15.54 7.47
C GLY B 236 5.11 -15.28 6.54
N SER B 237 5.69 -16.36 6.05
CA SER B 237 6.82 -16.29 5.14
C SER B 237 6.58 -17.27 4.01
N GLY B 238 7.32 -17.11 2.91
CA GLY B 238 7.19 -18.02 1.77
C GLY B 238 7.71 -17.43 0.47
N ARG B 239 7.79 -18.28 -0.55
CA ARG B 239 8.36 -17.93 -1.86
C ARG B 239 7.67 -16.75 -2.56
N TYR B 240 6.40 -16.52 -2.22
CA TYR B 240 5.58 -15.55 -2.93
C TYR B 240 5.69 -14.12 -2.38
N GLU B 241 6.51 -13.94 -1.35
CA GLU B 241 6.63 -12.67 -0.64
C GLU B 241 6.94 -11.48 -1.55
N SER B 242 7.91 -11.63 -2.43
CA SER B 242 8.34 -10.53 -3.31
C SER B 242 7.23 -10.12 -4.28
N THR B 243 6.41 -11.08 -4.71
CA THR B 243 5.26 -10.76 -5.55
C THR B 243 4.21 -9.97 -4.77
N LEU B 244 3.91 -10.43 -3.56
CA LEU B 244 2.94 -9.75 -2.69
C LEU B 244 3.35 -8.30 -2.39
N ARG B 245 4.62 -8.11 -2.05
CA ARG B 245 5.18 -6.77 -1.82
C ARG B 245 5.06 -5.88 -3.05
N ARG B 246 5.34 -6.45 -4.22
CA ARG B 246 5.15 -5.75 -5.50
C ARG B 246 3.68 -5.36 -5.67
N LEU B 247 2.80 -6.33 -5.45
CA LEU B 247 1.35 -6.10 -5.52
C LEU B 247 0.87 -5.04 -4.52
N ALA B 248 1.58 -4.90 -3.41
CA ALA B 248 1.19 -4.00 -2.32
C ALA B 248 1.72 -2.57 -2.48
N THR B 249 2.50 -2.32 -3.53
CA THR B 249 3.18 -1.03 -3.74
C THR B 249 2.28 0.20 -3.55
N ASP B 250 1.13 0.21 -4.22
CA ASP B 250 0.26 1.38 -4.21
C ASP B 250 -0.66 1.48 -2.99
N VAL B 251 -0.61 0.48 -2.12
CA VAL B 251 -1.37 0.48 -0.87
C VAL B 251 -0.47 0.18 0.34
N SER B 252 0.82 0.50 0.21
CA SER B 252 1.84 0.06 1.17
C SER B 252 1.66 0.61 2.58
N GLN B 253 0.98 1.75 2.69
CA GLN B 253 0.72 2.36 4.00
C GLN B 253 -0.46 1.73 4.73
N ASN B 254 -1.16 0.83 4.05
CA ASN B 254 -2.31 0.13 4.60
C ASN B 254 -2.12 -1.41 4.66
N VAL B 255 -0.90 -1.86 4.35
CA VAL B 255 -0.55 -3.28 4.34
C VAL B 255 0.77 -3.47 5.09
N LYS B 256 0.76 -4.33 6.10
CA LYS B 256 1.98 -4.62 6.86
C LYS B 256 2.41 -6.07 6.69
N PHE B 257 3.67 -6.27 6.31
CA PHE B 257 4.28 -7.58 6.25
C PHE B 257 5.04 -7.82 7.55
N LEU B 258 4.47 -8.65 8.42
CA LEU B 258 5.02 -8.84 9.76
C LEU B 258 6.03 -9.98 9.84
N GLY B 259 6.20 -10.68 8.72
CA GLY B 259 7.11 -11.82 8.66
C GLY B 259 6.55 -12.99 9.45
N ARG B 260 7.39 -13.99 9.71
CA ARG B 260 6.99 -15.11 10.52
C ARG B 260 7.11 -14.67 11.98
N LEU B 261 6.00 -14.64 12.69
CA LEU B 261 6.00 -14.19 14.08
C LEU B 261 6.18 -15.35 15.03
N GLU B 262 6.73 -15.06 16.20
CA GLU B 262 6.78 -16.04 17.30
C GLU B 262 5.35 -16.44 17.68
N TYR B 263 5.21 -17.69 18.11
CA TYR B 263 3.91 -18.32 18.35
C TYR B 263 2.91 -17.44 19.11
N GLN B 264 3.25 -17.04 20.34
CA GLN B 264 2.36 -16.21 21.15
C GLN B 264 2.09 -14.83 20.55
N ASP B 265 3.11 -14.25 19.91
CA ASP B 265 2.98 -12.95 19.26
C ASP B 265 1.97 -13.03 18.11
N MET B 266 2.04 -14.12 17.36
CA MET B 266 1.10 -14.42 16.29
C MET B 266 -0.33 -14.59 16.82
N ILE B 267 -0.49 -15.29 17.93
CA ILE B 267 -1.80 -15.45 18.59
C ILE B 267 -2.38 -14.10 19.05
N ASN B 268 -1.54 -13.29 19.69
CA ASN B 268 -1.93 -11.96 20.18
C ASN B 268 -2.41 -11.07 19.04
N THR B 269 -1.70 -11.12 17.92
CA THR B 269 -1.99 -10.34 16.72
C THR B 269 -3.32 -10.77 16.11
N LEU B 270 -3.52 -12.09 15.97
CA LEU B 270 -4.76 -12.66 15.47
C LEU B 270 -5.97 -12.25 16.32
N ALA B 271 -5.82 -12.36 17.64
CA ALA B 271 -6.89 -12.07 18.60
C ALA B 271 -7.30 -10.60 18.67
N ALA B 272 -6.39 -9.70 18.26
CA ALA B 272 -6.66 -8.26 18.25
C ALA B 272 -7.28 -7.74 16.94
N ALA B 273 -7.34 -8.63 15.94
CA ALA B 273 -7.89 -8.28 14.63
C ALA B 273 -9.42 -8.22 14.62
N ASP B 274 -9.96 -7.39 13.73
CA ASP B 274 -11.41 -7.32 13.52
C ASP B 274 -11.92 -8.49 12.67
N ILE B 275 -11.15 -8.85 11.64
CA ILE B 275 -11.49 -9.93 10.72
C ILE B 275 -10.24 -10.76 10.44
N PHE B 276 -10.39 -12.08 10.46
CA PHE B 276 -9.41 -12.97 9.84
C PHE B 276 -9.87 -13.30 8.43
N ALA B 277 -8.99 -13.10 7.45
CA ALA B 277 -9.34 -13.36 6.06
C ALA B 277 -8.25 -14.15 5.36
N MET B 278 -8.61 -15.31 4.82
CA MET B 278 -7.72 -16.11 3.97
C MET B 278 -8.59 -16.74 2.87
N PRO B 279 -8.74 -16.03 1.74
CA PRO B 279 -9.63 -16.48 0.67
C PRO B 279 -8.95 -17.50 -0.26
N ALA B 280 -8.59 -18.64 0.33
CA ALA B 280 -7.94 -19.74 -0.39
C ALA B 280 -8.64 -20.08 -1.69
N ARG B 281 -7.87 -20.16 -2.78
CA ARG B 281 -8.39 -20.62 -4.07
C ARG B 281 -7.63 -21.85 -4.55
N THR B 282 -8.30 -22.67 -5.35
CA THR B 282 -7.73 -23.88 -5.87
C THR B 282 -7.00 -23.53 -7.16
N ARG B 283 -5.75 -23.95 -7.24
CA ARG B 283 -4.88 -23.68 -8.39
C ARG B 283 -4.13 -24.94 -8.81
N GLY B 284 -3.13 -24.75 -9.67
CA GLY B 284 -2.26 -25.83 -10.13
C GLY B 284 -3.01 -26.98 -10.76
N GLY B 285 -3.97 -26.64 -11.62
CA GLY B 285 -4.79 -27.63 -12.32
C GLY B 285 -5.69 -28.42 -11.39
N GLY B 286 -5.95 -27.86 -10.22
CA GLY B 286 -6.80 -28.50 -9.23
C GLY B 286 -6.05 -29.23 -8.13
N LEU B 287 -4.73 -29.29 -8.26
CA LEU B 287 -3.89 -30.03 -7.31
C LEU B 287 -3.39 -29.18 -6.15
N ASP B 288 -3.45 -27.87 -6.31
CA ASP B 288 -3.07 -26.95 -5.25
C ASP B 288 -4.35 -26.49 -4.55
N VAL B 289 -4.70 -27.23 -3.49
CA VAL B 289 -5.97 -27.11 -2.78
C VAL B 289 -5.73 -26.97 -1.27
N GLU B 290 -6.65 -26.31 -0.59
CA GLU B 290 -6.61 -26.23 0.86
C GLU B 290 -7.04 -27.55 1.49
N GLY B 291 -6.24 -28.02 2.44
CA GLY B 291 -6.54 -29.25 3.17
C GLY B 291 -7.24 -29.02 4.49
N LEU B 292 -6.46 -28.88 5.55
CA LEU B 292 -6.95 -28.86 6.94
C LEU B 292 -7.65 -27.56 7.37
N GLY B 293 -7.25 -26.43 6.78
CA GLY B 293 -7.78 -25.12 7.12
C GLY B 293 -7.64 -24.71 8.58
N ILE B 294 -6.51 -25.07 9.20
CA ILE B 294 -6.30 -24.88 10.64
C ILE B 294 -6.36 -23.40 11.06
N VAL B 295 -5.89 -22.50 10.19
CA VAL B 295 -5.89 -21.07 10.50
C VAL B 295 -7.31 -20.54 10.76
N TYR B 296 -8.30 -21.11 10.08
CA TYR B 296 -9.71 -20.76 10.28
C TYR B 296 -10.19 -21.22 11.66
N LEU B 297 -9.68 -22.35 12.10
CA LEU B 297 -9.99 -22.90 13.41
C LEU B 297 -9.38 -22.06 14.52
N GLU B 298 -8.13 -21.64 14.31
CA GLU B 298 -7.41 -20.77 15.25
C GLU B 298 -8.11 -19.44 15.41
N ALA B 299 -8.57 -18.87 14.29
CA ALA B 299 -9.28 -17.59 14.28
C ALA B 299 -10.57 -17.67 15.09
N GLN B 300 -11.38 -18.70 14.83
CA GLN B 300 -12.62 -18.93 15.56
C GLN B 300 -12.37 -19.14 17.05
N ALA B 301 -11.32 -19.87 17.39
CA ALA B 301 -10.90 -20.09 18.79
C ALA B 301 -10.55 -18.78 19.50
N CYS B 302 -10.06 -17.81 18.73
CA CYS B 302 -9.77 -16.46 19.22
C CYS B 302 -10.98 -15.52 19.15
N GLY B 303 -12.12 -16.04 18.72
CA GLY B 303 -13.37 -15.27 18.64
C GLY B 303 -13.36 -14.16 17.61
N VAL B 304 -12.74 -14.44 16.47
CA VAL B 304 -12.59 -13.48 15.38
C VAL B 304 -13.39 -14.01 14.18
N PRO B 305 -14.29 -13.18 13.61
CA PRO B 305 -15.01 -13.60 12.41
C PRO B 305 -14.08 -13.91 11.24
N VAL B 306 -14.46 -14.89 10.44
CA VAL B 306 -13.59 -15.44 9.40
C VAL B 306 -14.16 -15.19 8.00
N ILE B 307 -13.28 -14.79 7.09
CA ILE B 307 -13.56 -14.90 5.66
C ILE B 307 -12.69 -16.03 5.11
N ALA B 308 -13.36 -17.05 4.57
CA ALA B 308 -12.71 -18.24 4.04
C ALA B 308 -12.94 -18.36 2.53
N GLY B 309 -12.04 -19.09 1.86
CA GLY B 309 -12.18 -19.35 0.43
C GLY B 309 -12.94 -20.62 0.14
N THR B 310 -13.30 -20.82 -1.12
CA THR B 310 -14.09 -21.99 -1.56
C THR B 310 -13.22 -23.22 -1.82
N SER B 311 -11.91 -23.04 -1.74
CA SER B 311 -10.95 -24.11 -2.06
C SER B 311 -11.00 -25.29 -1.11
N GLY B 312 -11.16 -26.49 -1.66
CA GLY B 312 -11.05 -27.74 -0.93
C GLY B 312 -11.96 -27.85 0.28
N GLY B 313 -11.35 -28.15 1.42
CA GLY B 313 -12.08 -28.31 2.67
C GLY B 313 -12.18 -27.04 3.50
N ALA B 314 -11.74 -25.91 2.96
CA ALA B 314 -11.80 -24.62 3.68
C ALA B 314 -13.20 -24.24 4.19
N PRO B 315 -14.24 -24.35 3.33
CA PRO B 315 -15.59 -24.01 3.79
C PRO B 315 -16.12 -24.88 4.93
N GLU B 316 -15.61 -26.11 5.04
CA GLU B 316 -16.06 -27.06 6.06
C GLU B 316 -15.70 -26.65 7.51
N THR B 317 -14.78 -25.71 7.65
CA THR B 317 -14.28 -25.29 8.97
C THR B 317 -15.13 -24.17 9.57
N VAL B 318 -15.97 -23.54 8.75
CA VAL B 318 -16.84 -22.47 9.19
C VAL B 318 -18.31 -22.82 8.98
N THR B 319 -19.19 -22.15 9.72
CA THR B 319 -20.62 -22.20 9.48
C THR B 319 -21.04 -20.77 9.11
N PRO B 320 -22.23 -20.60 8.50
CA PRO B 320 -22.76 -19.25 8.21
C PRO B 320 -22.81 -18.32 9.44
N ALA B 321 -22.77 -18.90 10.64
CA ALA B 321 -22.80 -18.14 11.88
C ALA B 321 -21.42 -17.63 12.32
N THR B 322 -20.37 -18.26 11.81
CA THR B 322 -18.99 -17.98 12.27
C THR B 322 -18.12 -17.29 11.21
N GLY B 323 -18.53 -17.37 9.95
CA GLY B 323 -17.70 -16.88 8.86
C GLY B 323 -18.41 -16.81 7.54
N LEU B 324 -17.77 -16.16 6.57
CA LEU B 324 -18.30 -16.05 5.22
C LEU B 324 -17.33 -16.71 4.24
N VAL B 325 -17.87 -17.50 3.33
CA VAL B 325 -17.09 -18.15 2.28
C VAL B 325 -17.17 -17.30 1.01
N VAL B 326 -16.01 -17.05 0.41
CA VAL B 326 -15.92 -16.24 -0.80
C VAL B 326 -15.06 -16.95 -1.85
N GLU B 327 -15.43 -16.78 -3.12
CA GLU B 327 -14.60 -17.23 -4.23
C GLU B 327 -13.40 -16.29 -4.31
N GLY B 328 -12.21 -16.83 -4.05
CA GLY B 328 -10.99 -16.03 -3.89
C GLY B 328 -10.66 -15.10 -5.04
N SER B 329 -10.93 -15.55 -6.26
CA SER B 329 -10.63 -14.78 -7.46
C SER B 329 -11.64 -13.64 -7.69
N ASP B 330 -12.75 -13.65 -6.96
CA ASP B 330 -13.71 -12.54 -7.04
C ASP B 330 -13.32 -11.40 -6.09
N VAL B 331 -12.39 -10.56 -6.56
CA VAL B 331 -11.85 -9.45 -5.78
C VAL B 331 -12.90 -8.40 -5.42
N ASP B 332 -13.82 -8.10 -6.35
CA ASP B 332 -14.93 -7.20 -6.07
C ASP B 332 -15.83 -7.66 -4.91
N LYS B 333 -16.21 -8.93 -4.94
CA LYS B 333 -17.04 -9.52 -3.88
C LYS B 333 -16.27 -9.59 -2.56
N LEU B 334 -14.97 -9.87 -2.63
CA LEU B 334 -14.12 -9.94 -1.46
C LEU B 334 -14.04 -8.58 -0.73
N SER B 335 -13.77 -7.51 -1.48
CA SER B 335 -13.71 -6.17 -0.89
C SER B 335 -15.07 -5.76 -0.30
N GLU B 336 -16.14 -6.11 -1.00
CA GLU B 336 -17.51 -5.87 -0.56
C GLU B 336 -17.79 -6.54 0.79
N LEU B 337 -17.47 -7.83 0.88
CA LEU B 337 -17.60 -8.57 2.13
C LEU B 337 -16.77 -7.97 3.26
N LEU B 338 -15.54 -7.57 2.95
CA LEU B 338 -14.65 -6.94 3.93
C LEU B 338 -15.23 -5.63 4.46
N ILE B 339 -15.57 -4.71 3.55
CA ILE B 339 -16.21 -3.43 3.90
C ILE B 339 -17.48 -3.64 4.75
N GLU B 340 -18.37 -4.51 4.29
CA GLU B 340 -19.61 -4.79 5.01
C GLU B 340 -19.38 -5.20 6.46
N LEU B 341 -18.49 -6.17 6.67
CA LEU B 341 -18.17 -6.65 8.01
C LEU B 341 -17.47 -5.59 8.86
N LEU B 342 -16.60 -4.80 8.23
CA LEU B 342 -15.94 -3.70 8.95
C LEU B 342 -16.93 -2.62 9.41
N ASP B 343 -17.99 -2.40 8.63
CA ASP B 343 -19.03 -1.44 8.96
C ASP B 343 -20.08 -2.00 9.94
N ASP B 344 -19.93 -3.27 10.33
CA ASP B 344 -20.94 -3.97 11.12
C ASP B 344 -20.32 -4.62 12.38
N PRO B 345 -19.91 -3.81 13.37
CA PRO B 345 -19.31 -4.33 14.60
C PRO B 345 -20.21 -5.26 15.41
N ILE B 346 -21.52 -5.03 15.38
CA ILE B 346 -22.46 -5.89 16.09
C ILE B 346 -22.43 -7.32 15.53
N ARG B 347 -22.53 -7.45 14.20
CA ARG B 347 -22.43 -8.76 13.55
C ARG B 347 -21.09 -9.45 13.80
N ARG B 348 -20.00 -8.69 13.75
CA ARG B 348 -18.66 -9.20 14.02
C ARG B 348 -18.52 -9.81 15.42
N ALA B 349 -19.03 -9.09 16.42
CA ALA B 349 -19.01 -9.58 17.79
C ALA B 349 -19.81 -10.87 17.90
N ALA B 350 -20.97 -10.91 17.25
CA ALA B 350 -21.80 -12.12 17.23
C ALA B 350 -21.17 -13.28 16.45
N MET B 351 -20.49 -12.97 15.35
CA MET B 351 -19.80 -13.99 14.56
C MET B 351 -18.60 -14.56 15.30
N GLY B 352 -17.87 -13.68 15.99
CA GLY B 352 -16.74 -14.09 16.81
C GLY B 352 -17.16 -14.96 17.99
N ALA B 353 -18.23 -14.56 18.68
CA ALA B 353 -18.79 -15.36 19.78
C ALA B 353 -19.25 -16.72 19.29
N ALA B 354 -19.93 -16.75 18.15
CA ALA B 354 -20.37 -18.00 17.52
C ALA B 354 -19.18 -18.87 17.12
N GLY B 355 -18.12 -18.23 16.62
CA GLY B 355 -16.87 -18.91 16.26
C GLY B 355 -16.23 -19.64 17.42
N ARG B 356 -16.13 -18.97 18.57
CA ARG B 356 -15.60 -19.59 19.79
C ARG B 356 -16.45 -20.78 20.24
N ALA B 357 -17.77 -20.61 20.28
CA ALA B 357 -18.70 -21.69 20.67
C ALA B 357 -18.61 -22.89 19.74
N HIS B 358 -18.45 -22.61 18.45
CA HIS B 358 -18.33 -23.65 17.42
C HIS B 358 -17.08 -24.51 17.58
N VAL B 359 -15.92 -23.91 17.85
CA VAL B 359 -14.70 -24.71 18.06
C VAL B 359 -14.73 -25.46 19.39
N GLU B 360 -15.35 -24.86 20.42
CA GLU B 360 -15.48 -25.53 21.72
C GLU B 360 -16.33 -26.79 21.60
N ALA B 361 -17.41 -26.70 20.81
CA ALA B 361 -18.35 -27.81 20.64
C ALA B 361 -17.88 -28.90 19.68
N GLU B 362 -17.11 -28.54 18.66
CA GLU B 362 -16.80 -29.52 17.61
C GLU B 362 -15.38 -29.60 17.08
N TRP B 363 -14.47 -28.76 17.57
CA TRP B 363 -13.13 -28.70 16.98
C TRP B 363 -11.96 -28.80 17.97
N SER B 364 -12.25 -28.77 19.27
CA SER B 364 -11.19 -28.84 20.27
C SER B 364 -10.48 -30.19 20.18
N TRP B 365 -9.28 -30.28 20.75
CA TRP B 365 -8.55 -31.53 20.85
C TRP B 365 -9.24 -32.55 21.76
N GLU B 366 -9.98 -32.08 22.76
CA GLU B 366 -10.83 -32.95 23.58
C GLU B 366 -11.90 -33.67 22.73
N ILE B 367 -12.60 -32.90 21.89
CA ILE B 367 -13.61 -33.48 20.99
C ILE B 367 -12.97 -34.42 19.97
N MET B 368 -11.89 -33.96 19.31
CA MET B 368 -11.25 -34.78 18.30
C MET B 368 -10.56 -36.03 18.87
N GLY B 369 -10.00 -35.89 20.07
CA GLY B 369 -9.41 -37.01 20.80
C GLY B 369 -10.37 -38.16 21.04
N GLU B 370 -11.63 -37.84 21.33
CA GLU B 370 -12.70 -38.84 21.50
C GLU B 370 -12.90 -39.67 20.25
N ARG B 371 -12.82 -39.03 19.08
CA ARG B 371 -13.00 -39.71 17.80
C ARG B 371 -11.89 -40.74 17.57
N LEU B 372 -10.65 -40.34 17.87
CA LEU B 372 -9.52 -41.24 17.72
C LEU B 372 -9.58 -42.38 18.74
N THR B 373 -9.92 -42.05 19.98
CA THR B 373 -10.05 -43.07 21.03
C THR B 373 -11.00 -44.18 20.61
N ASN B 374 -12.14 -43.79 20.03
CA ASN B 374 -13.11 -44.73 19.48
C ASN B 374 -12.55 -45.64 18.40
N ILE B 375 -11.79 -45.07 17.46
CA ILE B 375 -11.17 -45.84 16.40
C ILE B 375 -10.17 -46.85 16.98
N LEU B 376 -9.35 -46.40 17.91
CA LEU B 376 -8.28 -47.25 18.46
C LEU B 376 -8.77 -48.24 19.52
N GLN B 377 -9.87 -47.92 20.20
CA GLN B 377 -10.32 -48.77 21.31
C GLN B 377 -11.54 -49.66 21.04
N SER B 378 -12.13 -49.54 19.85
CA SER B 378 -13.26 -50.39 19.48
C SER B 378 -12.80 -51.76 18.95
N GLU B 379 -13.64 -52.78 19.13
CA GLU B 379 -13.38 -54.11 18.59
C GLU B 379 -13.25 -54.06 17.07
N PRO B 380 -12.33 -54.87 16.51
CA PRO B 380 -12.27 -54.99 15.05
C PRO B 380 -13.60 -55.45 14.45
N ARG B 381 -13.94 -54.88 13.30
CA ARG B 381 -15.19 -55.15 12.58
C ARG B 381 -15.37 -56.63 12.22
N HIS C 7 24.94 73.15 -21.99
CA HIS C 7 25.38 72.13 -22.98
C HIS C 7 24.29 71.09 -23.27
N HIS C 8 23.07 71.58 -23.52
CA HIS C 8 21.91 70.76 -23.87
C HIS C 8 21.92 70.44 -25.35
N HIS C 9 21.68 69.17 -25.70
CA HIS C 9 21.70 68.74 -27.09
C HIS C 9 20.45 67.95 -27.52
N HIS C 10 20.02 68.19 -28.76
CA HIS C 10 18.81 67.56 -29.30
C HIS C 10 19.07 66.17 -29.88
N HIS C 11 20.29 65.97 -30.38
CA HIS C 11 20.68 64.76 -31.10
C HIS C 11 21.96 64.21 -30.50
N HIS C 12 22.01 62.89 -30.33
CA HIS C 12 23.24 62.21 -29.92
C HIS C 12 23.53 61.09 -30.92
N SER C 13 24.56 61.28 -31.75
CA SER C 13 24.94 60.32 -32.79
C SER C 13 25.31 58.95 -32.20
N SER C 14 24.88 57.88 -32.87
CA SER C 14 25.17 56.54 -32.38
C SER C 14 26.51 55.98 -32.86
N GLY C 15 27.03 56.54 -33.96
CA GLY C 15 28.15 55.91 -34.68
C GLY C 15 27.64 54.69 -35.44
N HIS C 16 28.57 53.94 -36.04
CA HIS C 16 28.24 52.70 -36.73
C HIS C 16 27.74 51.62 -35.77
N ILE C 17 26.56 51.07 -36.04
CA ILE C 17 26.00 49.97 -35.26
C ILE C 17 26.16 48.64 -35.98
N HIS D 5 -41.64 -62.04 31.63
CA HIS D 5 -40.22 -62.39 31.37
C HIS D 5 -39.56 -61.35 30.46
N HIS D 6 -38.51 -60.71 30.97
CA HIS D 6 -37.79 -59.68 30.22
C HIS D 6 -36.48 -60.21 29.63
N HIS D 7 -35.97 -61.29 30.22
CA HIS D 7 -34.71 -61.93 29.85
C HIS D 7 -33.47 -61.03 30.06
N HIS D 8 -33.44 -60.36 31.21
CA HIS D 8 -32.34 -59.49 31.60
C HIS D 8 -31.23 -60.31 32.25
N HIS D 9 -29.99 -60.07 31.85
CA HIS D 9 -28.84 -60.82 32.38
C HIS D 9 -27.70 -59.94 32.88
N HIS D 10 -27.07 -60.38 33.97
CA HIS D 10 -25.99 -59.63 34.63
C HIS D 10 -24.62 -59.89 34.00
N HIS D 11 -24.45 -61.10 33.45
CA HIS D 11 -23.18 -61.58 32.92
C HIS D 11 -23.39 -62.11 31.50
N HIS D 12 -22.44 -61.82 30.62
CA HIS D 12 -22.45 -62.34 29.25
C HIS D 12 -21.06 -62.94 28.99
N SER D 13 -20.98 -64.27 28.96
CA SER D 13 -19.71 -64.97 28.77
C SER D 13 -19.05 -64.60 27.44
N SER D 14 -17.72 -64.48 27.44
CA SER D 14 -17.00 -64.12 26.22
C SER D 14 -16.61 -65.33 25.36
N GLY D 15 -16.52 -66.50 25.99
CA GLY D 15 -15.90 -67.65 25.36
C GLY D 15 -14.38 -67.48 25.39
N HIS D 16 -13.66 -68.36 24.71
CA HIS D 16 -12.21 -68.28 24.59
C HIS D 16 -11.81 -67.09 23.70
N ILE D 17 -10.94 -66.22 24.24
CA ILE D 17 -10.38 -65.09 23.49
C ILE D 17 -8.95 -65.40 23.03
N GLU D 18 -8.70 -65.17 21.74
CA GLU D 18 -7.43 -65.50 21.06
C GLU D 18 -6.17 -65.15 21.84
S SO4 E . 6.67 17.33 -4.95
O1 SO4 E . 5.86 16.39 -5.72
O2 SO4 E . 7.89 17.61 -5.71
O3 SO4 E . 7.01 16.76 -3.65
O4 SO4 E . 5.94 18.57 -4.74
S SO4 F . 7.37 11.49 -0.12
O1 SO4 F . 5.98 11.23 -0.53
O2 SO4 F . 8.25 10.51 -0.75
O3 SO4 F . 7.48 11.40 1.33
O4 SO4 F . 7.75 12.83 -0.56
S SO4 G . 31.27 18.78 -9.98
O1 SO4 G . 31.45 17.37 -10.28
O2 SO4 G . 31.51 19.58 -11.18
O3 SO4 G . 32.20 19.21 -8.94
O4 SO4 G . 29.89 18.97 -9.53
N2 GDD H . -8.09 23.54 -11.90
C2 GDD H . -7.36 23.19 -10.82
N1 GDD H . -7.82 22.24 -9.96
N3 GDD H . -6.16 23.78 -10.62
C4 GDD H . -5.40 23.44 -9.53
C5 GDD H . -5.85 22.47 -8.65
C6 GDD H . -7.09 21.88 -8.88
O6 GDD H . -7.53 21.00 -8.10
N7 GDD H . -4.91 22.33 -7.69
C8 GDD H . -3.90 23.18 -7.97
N9 GDD H . -4.20 23.86 -9.10
C1' GDD H . -3.36 24.90 -9.77
C2' GDD H . -3.33 26.17 -8.94
O2' GDD H . -4.36 27.09 -9.31
C3' GDD H . -1.95 26.73 -9.20
O3' GDD H . -1.98 27.62 -10.33
C4' GDD H . -1.10 25.52 -9.55
O4' GDD H . -2.01 24.46 -9.91
C5' GDD H . -0.20 25.15 -8.38
O5' GDD H . -0.34 23.76 -8.04
PA GDD H . 0.78 22.99 -7.54
O1A GDD H . 0.49 22.58 -6.40
O2A GDD H . 0.96 22.03 -8.32
O3A GDD H . 1.97 23.83 -7.48
PB GDD H . 3.36 23.38 -7.48
O2B GDD H . 3.53 22.46 -6.64
O3B GDD H . 3.67 22.96 -8.62
O1B GDD H . 4.23 24.48 -7.16
C1 GOL I . 20.03 14.98 -31.19
O1 GOL I . 21.25 15.49 -30.72
C2 GOL I . 19.96 13.48 -30.90
O2 GOL I . 19.44 12.83 -32.02
C3 GOL I . 19.10 13.19 -29.66
O3 GOL I . 18.85 14.37 -28.90
S SO4 J . 1.76 -24.92 -1.70
O1 SO4 J . 3.18 -24.75 -1.40
O2 SO4 J . 1.53 -26.29 -2.16
O3 SO4 J . 1.34 -24.00 -2.75
O4 SO4 J . 0.98 -24.69 -0.49
S SO4 K . 3.57 -21.38 -7.91
O1 SO4 K . 2.79 -22.17 -6.96
O2 SO4 K . 4.41 -22.27 -8.71
O3 SO4 K . 4.41 -20.45 -7.16
O4 SO4 K . 2.67 -20.65 -8.81
S SO4 L . -2.07 -47.69 -12.21
O1 SO4 L . -0.83 -47.76 -12.98
O2 SO4 L . -2.08 -48.72 -11.18
O3 SO4 L . -3.21 -47.88 -13.10
O4 SO4 L . -2.14 -46.37 -11.59
S SO4 M . 19.19 -42.47 27.15
O1 SO4 M . 17.95 -42.03 26.52
O2 SO4 M . 18.87 -43.02 28.46
O3 SO4 M . 19.82 -43.49 26.32
O4 SO4 M . 20.11 -41.34 27.32
N2 GDD N . 4.25 -19.16 14.83
C2 GDD N . 3.77 -18.98 13.57
N1 GDD N . 4.12 -17.87 12.87
N3 GDD N . 2.96 -19.91 13.03
C4 GDD N . 2.47 -19.74 11.77
C5 GDD N . 2.81 -18.62 11.03
C6 GDD N . 3.66 -17.67 11.61
O6 GDD N . 4.00 -16.64 10.99
N7 GDD N . 2.20 -18.70 9.83
C8 GDD N . 1.49 -19.86 9.83
N9 GDD N . 1.65 -20.49 11.01
C1' GDD N . 1.06 -21.78 11.42
C2' GDD N . -0.39 -21.59 11.87
O2' GDD N . -0.48 -21.49 13.30
C3' GDD N . -1.11 -22.82 11.36
O3' GDD N . -1.27 -23.77 12.42
C4' GDD N . -0.21 -23.40 10.28
O4' GDD N . 1.04 -22.73 10.34
C5' GDD N . -0.87 -23.25 8.92
O5' GDD N . -0.05 -22.51 8.02
PA GDD N . 0.15 -22.99 6.67
O1A GDD N . 0.07 -22.03 5.88
O2A GDD N . 1.29 -23.50 6.61
O3A GDD N . -0.89 -23.97 6.36
PB GDD N . -0.77 -25.15 5.53
O2B GDD N . -0.33 -24.86 4.40
O3B GDD N . -0.03 -25.99 6.06
O1B GDD N . -2.09 -25.74 5.38
S SO4 O . 22.50 69.38 -31.16
O1 SO4 O . 22.17 67.95 -31.11
O2 SO4 O . 22.19 69.87 -32.50
O3 SO4 O . 23.91 69.56 -30.87
O4 SO4 O . 21.73 70.14 -30.17
S SO4 P . -36.17 -61.69 33.80
O1 SO4 P . -36.98 -62.91 33.72
O2 SO4 P . -35.55 -61.58 35.11
O3 SO4 P . -35.12 -61.73 32.79
O4 SO4 P . -37.03 -60.53 33.57
S SO4 Q . -27.17 -64.09 34.71
O1 SO4 Q . -26.88 -64.97 35.84
O2 SO4 Q . -25.92 -63.46 34.28
O3 SO4 Q . -28.15 -63.09 35.09
O4 SO4 Q . -27.71 -64.88 33.61
#